data_2HTM
#
_entry.id   2HTM
#
_cell.length_a   47.339
_cell.length_b   73.511
_cell.length_c   100.911
_cell.angle_alpha   68.64
_cell.angle_beta   80.16
_cell.angle_gamma   79.09
#
_symmetry.space_group_name_H-M   'P 1'
#
loop_
_entity.id
_entity.type
_entity.pdbx_description
1 polymer 'Thiazole biosynthesis protein thiG'
2 polymer 'Putative thiamine biosynthesis protein ThiS'
3 water water
#
loop_
_entity_poly.entity_id
_entity_poly.type
_entity_poly.pdbx_seq_one_letter_code
_entity_poly.pdbx_strand_id
1 'polypeptide(L)'
;MDTWKVGPVELKSRLILGSGKYEDFGVMREAIAAAKAEVVTVSVRRVELKAPGHVGLLEALEGVRLLPNTAGARTAEEAV
RLARLGRLLTGERWVKLEVIPDPTYLLPDPLETLKAAERLIEEDFLVLPYMGPDLVLAKRLAALGTATVMPLAAPIGSGW
GVRTRALLELFAREKASLPPVVVDAGLGLPSHAAEVMELGLDAVLVNTAIAEAQDPPAMAEAFRLAVEAGRKAYLAGPMR
PREAASPSSPVEGVPFTPTGPRPGRGPQ
;
A,B,C,D
2 'polypeptide(L)' (MSE)VWLNGEPRPLEGKTLKEVLEE(MSE)GVELKGVAVLLNEEAFLGLEVPDRPLRDGDVVEVVAL(MSE)QGG E,F,G,H
#
# COMPACT_ATOMS: atom_id res chain seq x y z
N MET A 1 -30.63 7.52 18.88
CA MET A 1 -30.02 6.78 17.77
C MET A 1 -28.54 6.51 18.03
N ASP A 2 -27.74 6.61 16.94
CA ASP A 2 -26.31 6.40 17.10
C ASP A 2 -25.57 7.74 17.24
N THR A 3 -25.69 8.33 18.44
CA THR A 3 -25.13 9.65 18.65
C THR A 3 -23.89 9.62 19.56
N TRP A 4 -22.97 10.55 19.28
CA TRP A 4 -21.82 10.67 20.16
C TRP A 4 -21.81 12.01 20.89
N LYS A 5 -20.81 12.19 21.77
CA LYS A 5 -20.79 13.40 22.57
C LYS A 5 -19.39 14.03 22.62
N VAL A 6 -19.36 15.34 22.31
CA VAL A 6 -18.14 16.09 22.58
C VAL A 6 -18.27 16.82 23.91
N GLY A 7 -17.75 16.16 24.97
CA GLY A 7 -18.11 16.61 26.29
C GLY A 7 -19.62 16.55 26.47
N PRO A 8 -20.21 17.69 26.82
CA PRO A 8 -21.64 17.77 27.08
C PRO A 8 -22.46 17.96 25.79
N VAL A 9 -21.77 18.02 24.64
CA VAL A 9 -22.51 18.25 23.39
C VAL A 9 -22.81 16.95 22.65
N GLU A 10 -24.08 16.75 22.35
CA GLU A 10 -24.44 15.55 21.62
C GLU A 10 -24.65 15.81 20.12
N LEU A 11 -23.76 15.20 19.30
CA LEU A 11 -23.87 15.37 17.86
C LEU A 11 -24.40 14.10 17.18
N LYS A 12 -25.04 14.30 16.02
CA LYS A 12 -25.54 13.15 15.28
C LYS A 12 -24.68 12.85 14.05
N SER A 13 -24.23 13.94 13.39
CA SER A 13 -23.37 13.77 12.22
C SER A 13 -21.93 13.46 12.62
N ARG A 14 -21.31 12.56 11.86
CA ARG A 14 -19.93 12.20 12.16
C ARG A 14 -19.01 12.86 11.17
N LEU A 15 -19.56 13.85 10.47
CA LEU A 15 -18.88 14.63 9.45
C LEU A 15 -18.82 16.12 9.82
N ILE A 16 -17.63 16.53 10.33
CA ILE A 16 -17.44 17.95 10.63
C ILE A 16 -16.74 18.65 9.46
N LEU A 17 -17.17 19.90 9.20
CA LEU A 17 -16.62 20.63 8.04
C LEU A 17 -15.69 21.79 8.44
N GLY A 18 -14.87 22.22 7.44
CA GLY A 18 -14.02 23.39 7.64
C GLY A 18 -14.25 24.42 6.52
N SER A 19 -14.08 25.71 6.89
CA SER A 19 -14.50 26.79 5.99
C SER A 19 -13.34 27.34 5.16
N GLY A 20 -12.29 26.54 5.02
CA GLY A 20 -11.14 27.01 4.26
C GLY A 20 -11.30 26.77 2.75
N LYS A 21 -10.90 27.79 1.96
CA LYS A 21 -10.75 27.58 0.53
C LYS A 21 -12.06 27.66 -0.25
N TYR A 22 -13.19 27.74 0.48
CA TYR A 22 -14.46 27.94 -0.22
C TYR A 22 -14.43 29.27 -1.01
N GLU A 23 -14.55 29.16 -2.35
CA GLU A 23 -14.39 30.34 -3.18
C GLU A 23 -15.48 31.38 -2.95
N ASP A 24 -16.46 31.00 -2.12
CA ASP A 24 -17.47 31.97 -1.69
C ASP A 24 -18.45 31.31 -0.71
N PHE A 25 -19.09 32.18 0.10
CA PHE A 25 -19.93 31.68 1.19
C PHE A 25 -21.18 30.99 0.62
N GLY A 26 -21.41 31.22 -0.69
CA GLY A 26 -22.61 30.64 -1.32
C GLY A 26 -22.46 29.13 -1.54
N VAL A 27 -21.36 28.75 -2.19
CA VAL A 27 -21.10 27.33 -2.39
C VAL A 27 -20.77 26.64 -1.07
N MET A 28 -20.31 27.47 -0.11
CA MET A 28 -20.07 26.96 1.24
C MET A 28 -21.38 26.61 1.94
N ARG A 29 -22.33 27.55 1.86
CA ARG A 29 -23.63 27.30 2.44
C ARG A 29 -24.26 26.03 1.88
N GLU A 30 -24.07 25.84 0.56
CA GLU A 30 -24.60 24.65 -0.09
C GLU A 30 -23.93 23.38 0.43
N ALA A 31 -22.58 23.45 0.50
CA ALA A 31 -21.84 22.27 0.94
C ALA A 31 -22.22 21.86 2.37
N ILE A 32 -22.14 22.84 3.28
CA ILE A 32 -22.50 22.54 4.68
C ILE A 32 -23.87 21.87 4.79
N ALA A 33 -24.79 22.31 3.90
CA ALA A 33 -26.12 21.74 3.92
C ALA A 33 -26.14 20.32 3.33
N ALA A 34 -25.48 20.18 2.17
CA ALA A 34 -25.42 18.86 1.53
C ALA A 34 -24.79 17.81 2.46
N ALA A 35 -23.84 18.28 3.28
CA ALA A 35 -23.18 17.37 4.20
C ALA A 35 -24.03 17.08 5.44
N LYS A 36 -25.10 17.88 5.58
CA LYS A 36 -25.94 17.74 6.77
C LYS A 36 -25.12 17.97 8.04
N ALA A 37 -24.08 18.81 7.91
CA ALA A 37 -23.16 19.03 9.01
C ALA A 37 -23.77 19.89 10.13
N GLU A 38 -23.38 19.56 11.38
CA GLU A 38 -23.84 20.34 12.52
C GLU A 38 -22.77 21.32 12.99
N VAL A 39 -21.51 20.99 12.70
CA VAL A 39 -20.43 21.83 13.22
C VAL A 39 -19.45 22.22 12.11
N VAL A 40 -19.06 23.50 12.14
CA VAL A 40 -18.05 23.98 11.19
C VAL A 40 -17.01 24.83 11.91
N THR A 41 -15.72 24.48 11.70
CA THR A 41 -14.67 25.22 12.36
C THR A 41 -14.32 26.53 11.65
N VAL A 42 -13.98 27.54 12.46
CA VAL A 42 -13.57 28.82 11.90
C VAL A 42 -12.34 29.36 12.62
N SER A 43 -11.60 30.21 11.89
CA SER A 43 -10.38 30.74 12.47
C SER A 43 -10.60 32.11 13.12
N VAL A 44 -9.56 32.53 13.84
CA VAL A 44 -9.54 33.88 14.38
C VAL A 44 -8.39 34.68 13.75
N ARG A 45 -8.67 35.51 12.76
CA ARG A 45 -7.61 36.23 12.06
C ARG A 45 -7.68 37.75 12.21
N ARG A 46 -6.60 38.42 11.82
CA ARG A 46 -6.55 39.88 11.91
C ARG A 46 -7.46 40.51 10.87
N VAL A 47 -8.33 41.41 11.34
CA VAL A 47 -9.16 42.14 10.40
C VAL A 47 -8.29 42.97 9.44
N GLU A 48 -8.35 42.59 8.16
CA GLU A 48 -7.79 43.48 7.16
C GLU A 48 -8.77 44.60 6.85
N GLY A 56 -20.14 38.65 7.09
CA GLY A 56 -20.64 37.88 5.96
C GLY A 56 -20.59 36.37 6.25
N LEU A 57 -19.48 35.96 6.88
CA LEU A 57 -19.31 34.55 7.23
C LEU A 57 -20.28 34.12 8.34
N LEU A 58 -20.31 34.93 9.41
CA LEU A 58 -21.15 34.59 10.57
C LEU A 58 -22.62 34.34 10.20
N GLU A 59 -23.06 34.94 9.08
CA GLU A 59 -24.45 34.73 8.68
C GLU A 59 -24.60 33.60 7.67
N ALA A 60 -23.47 33.31 6.98
CA ALA A 60 -23.47 32.19 6.03
C ALA A 60 -23.23 30.86 6.76
N LEU A 61 -22.98 30.99 8.09
CA LEU A 61 -22.73 29.81 8.91
C LEU A 61 -23.83 29.62 9.97
N GLU A 62 -24.91 30.38 9.82
CA GLU A 62 -26.04 30.15 10.70
C GLU A 62 -26.79 28.87 10.33
N GLY A 63 -27.18 28.11 11.37
CA GLY A 63 -27.77 26.81 11.11
C GLY A 63 -26.87 25.68 11.59
N VAL A 64 -25.57 26.00 11.64
CA VAL A 64 -24.63 25.07 12.26
C VAL A 64 -24.02 25.69 13.51
N ARG A 65 -23.25 24.88 14.25
CA ARG A 65 -22.46 25.42 15.35
C ARG A 65 -21.06 25.80 14.90
N LEU A 66 -20.51 26.84 15.56
CA LEU A 66 -19.16 27.29 15.21
C LEU A 66 -18.09 26.69 16.14
N LEU A 67 -17.11 26.05 15.51
CA LEU A 67 -15.93 25.61 16.24
C LEU A 67 -14.75 26.54 15.95
N PRO A 68 -14.35 27.32 16.97
CA PRO A 68 -13.20 28.18 16.79
C PRO A 68 -11.92 27.36 16.96
N ASN A 69 -10.97 27.55 16.01
CA ASN A 69 -9.65 26.94 16.18
C ASN A 69 -8.58 27.99 16.45
N THR A 70 -7.39 27.50 16.85
CA THR A 70 -6.29 28.44 17.09
C THR A 70 -5.22 28.32 16.01
N ALA A 71 -5.73 28.04 14.80
CA ALA A 71 -4.85 27.98 13.65
C ALA A 71 -3.99 29.25 13.57
N GLY A 72 -2.77 29.09 13.02
CA GLY A 72 -1.86 30.23 12.93
C GLY A 72 -0.97 30.33 14.17
N ALA A 73 -1.40 29.67 15.25
CA ALA A 73 -0.64 29.72 16.50
C ALA A 73 0.58 28.81 16.46
N ARG A 74 1.75 29.38 16.73
CA ARG A 74 3.00 28.61 16.71
C ARG A 74 3.39 28.15 18.13
N THR A 75 2.74 28.71 19.14
CA THR A 75 3.01 28.34 20.53
C THR A 75 1.72 28.19 21.33
N ALA A 76 1.88 27.62 22.53
CA ALA A 76 0.73 27.53 23.43
C ALA A 76 0.23 28.93 23.82
N GLU A 77 1.20 29.81 24.11
CA GLU A 77 0.85 31.17 24.50
C GLU A 77 -0.01 31.86 23.44
N GLU A 78 0.39 31.68 22.17
CA GLU A 78 -0.41 32.25 21.08
C GLU A 78 -1.72 31.51 20.91
N ALA A 79 -1.70 30.22 21.30
CA ALA A 79 -2.89 29.38 21.17
C ALA A 79 -3.98 29.80 22.17
N VAL A 80 -3.60 29.82 23.46
CA VAL A 80 -4.56 30.25 24.46
C VAL A 80 -5.08 31.65 24.15
N ARG A 81 -4.24 32.42 23.44
CA ARG A 81 -4.62 33.78 23.08
C ARG A 81 -5.75 33.80 22.03
N LEU A 82 -5.55 33.00 20.97
CA LEU A 82 -6.56 32.92 19.92
C LEU A 82 -7.86 32.29 20.45
N ALA A 83 -7.69 31.37 21.41
CA ALA A 83 -8.84 30.67 21.96
C ALA A 83 -9.77 31.64 22.71
N ARG A 84 -9.15 32.47 23.57
CA ARG A 84 -9.92 33.46 24.30
C ARG A 84 -10.78 34.31 23.36
N LEU A 85 -10.09 34.89 22.36
CA LEU A 85 -10.79 35.72 21.39
C LEU A 85 -11.84 34.92 20.62
N GLY A 86 -11.49 33.65 20.35
CA GLY A 86 -12.42 32.78 19.64
C GLY A 86 -13.68 32.51 20.46
N ARG A 87 -13.49 32.45 21.79
CA ARG A 87 -14.60 32.11 22.67
C ARG A 87 -15.66 33.21 22.70
N LEU A 88 -15.20 34.45 22.95
CA LEU A 88 -16.19 35.54 23.01
C LEU A 88 -16.70 35.90 21.62
N LEU A 89 -15.93 35.51 20.58
CA LEU A 89 -16.38 35.73 19.21
C LEU A 89 -17.51 34.77 18.79
N THR A 90 -17.56 33.59 19.43
CA THR A 90 -18.64 32.66 19.09
C THR A 90 -19.55 32.37 20.28
N GLY A 91 -19.04 32.68 21.49
CA GLY A 91 -19.81 32.40 22.69
C GLY A 91 -19.80 30.91 23.03
N GLU A 92 -19.15 30.13 22.15
CA GLU A 92 -19.08 28.69 22.37
C GLU A 92 -18.01 28.33 23.40
N ARG A 93 -18.19 27.14 24.01
CA ARG A 93 -17.29 26.74 25.08
C ARG A 93 -16.08 25.94 24.56
N TRP A 94 -16.26 25.36 23.36
CA TRP A 94 -15.21 24.45 22.88
C TRP A 94 -14.31 25.09 21.82
N VAL A 95 -13.11 24.50 21.67
CA VAL A 95 -12.12 25.05 20.74
C VAL A 95 -11.22 23.95 20.18
N LYS A 96 -10.91 24.09 18.89
CA LYS A 96 -9.97 23.16 18.26
C LYS A 96 -8.52 23.61 18.47
N LEU A 97 -7.91 23.08 19.54
CA LEU A 97 -6.52 23.42 19.82
C LEU A 97 -5.60 23.02 18.66
N GLU A 98 -4.79 24.00 18.22
CA GLU A 98 -3.89 23.80 17.07
C GLU A 98 -2.58 24.57 17.24
N VAL A 99 -1.47 23.82 17.35
CA VAL A 99 -0.17 24.47 17.58
C VAL A 99 0.87 24.02 16.55
N ILE A 100 1.00 24.83 15.47
CA ILE A 100 1.88 24.45 14.37
C ILE A 100 3.02 25.44 14.17
N PRO A 101 4.23 25.03 14.63
CA PRO A 101 5.44 25.83 14.45
C PRO A 101 5.82 25.96 12.97
N ASP A 102 6.08 24.80 12.34
CA ASP A 102 6.47 24.82 10.94
C ASP A 102 5.29 24.53 10.01
N PRO A 103 4.75 25.61 9.42
CA PRO A 103 3.59 25.51 8.53
C PRO A 103 3.92 24.79 7.22
N THR A 104 5.19 24.38 7.09
CA THR A 104 5.58 23.67 5.88
C THR A 104 4.76 22.40 5.67
N TYR A 105 4.65 21.62 6.77
CA TYR A 105 3.86 20.40 6.75
C TYR A 105 2.59 20.53 7.60
N LEU A 106 2.61 21.57 8.45
CA LEU A 106 1.47 21.82 9.35
C LEU A 106 1.37 20.79 10.49
N LEU A 107 2.51 20.14 10.78
CA LEU A 107 2.53 19.20 11.90
C LEU A 107 2.53 19.94 13.25
N PRO A 108 1.72 19.42 14.18
CA PRO A 108 1.55 20.03 15.48
C PRO A 108 2.69 19.67 16.45
N ASP A 109 2.90 20.57 17.43
CA ASP A 109 3.88 20.29 18.47
C ASP A 109 3.27 19.50 19.63
N PRO A 110 3.93 18.38 19.98
CA PRO A 110 3.46 17.51 21.03
C PRO A 110 3.36 18.25 22.38
N LEU A 111 4.51 18.79 22.83
CA LEU A 111 4.57 19.42 24.14
C LEU A 111 3.78 20.73 24.18
N GLU A 112 3.93 21.53 23.10
CA GLU A 112 3.24 22.80 23.07
C GLU A 112 1.72 22.61 23.14
N THR A 113 1.23 21.70 22.28
CA THR A 113 -0.20 21.42 22.28
C THR A 113 -0.64 20.80 23.60
N LEU A 114 0.30 20.12 24.27
CA LEU A 114 -0.02 19.53 25.56
C LEU A 114 -0.14 20.60 26.65
N LYS A 115 0.81 21.54 26.63
CA LYS A 115 0.77 22.62 27.61
C LYS A 115 -0.44 23.54 27.39
N ALA A 116 -0.70 23.83 26.10
CA ALA A 116 -1.84 24.67 25.77
C ALA A 116 -3.16 24.03 26.19
N ALA A 117 -3.21 22.69 26.04
CA ALA A 117 -4.42 21.96 26.42
C ALA A 117 -4.68 22.07 27.93
N GLU A 118 -3.59 22.03 28.71
CA GLU A 118 -3.73 22.11 30.15
C GLU A 118 -4.28 23.47 30.59
N ARG A 119 -3.61 24.54 30.14
CA ARG A 119 -4.07 25.88 30.48
C ARG A 119 -5.50 26.13 29.97
N LEU A 120 -5.78 25.60 28.77
CA LEU A 120 -7.08 25.85 28.17
C LEU A 120 -8.21 25.23 28.97
N ILE A 121 -7.93 24.04 29.54
CA ILE A 121 -8.97 23.34 30.27
C ILE A 121 -9.13 23.90 31.69
N GLU A 122 -8.04 24.50 32.19
CA GLU A 122 -8.12 25.20 33.46
C GLU A 122 -8.90 26.50 33.31
N GLU A 123 -8.98 26.96 32.06
CA GLU A 123 -9.76 28.15 31.76
C GLU A 123 -11.19 27.77 31.34
N ASP A 124 -11.55 26.51 31.63
CA ASP A 124 -12.92 26.06 31.41
C ASP A 124 -13.22 25.76 29.94
N PHE A 125 -12.14 25.52 29.17
CA PHE A 125 -12.33 25.26 27.76
C PHE A 125 -12.57 23.78 27.47
N LEU A 126 -13.28 23.53 26.35
CA LEU A 126 -13.45 22.15 25.91
C LEU A 126 -12.47 21.81 24.77
N VAL A 127 -11.32 21.19 25.08
CA VAL A 127 -10.27 21.27 24.07
C VAL A 127 -10.40 20.14 23.04
N LEU A 128 -10.37 20.53 21.77
CA LEU A 128 -10.26 19.51 20.74
C LEU A 128 -8.91 19.58 20.04
N PRO A 129 -8.01 18.74 20.58
CA PRO A 129 -6.58 18.83 20.28
C PRO A 129 -6.23 18.28 18.90
N TYR A 130 -5.78 19.20 18.03
CA TYR A 130 -5.19 18.76 16.78
C TYR A 130 -3.81 18.19 17.03
N MET A 131 -3.59 16.95 16.58
CA MET A 131 -2.36 16.28 16.99
C MET A 131 -1.86 15.28 15.97
N GLY A 132 -0.56 14.96 16.12
CA GLY A 132 -0.02 13.85 15.36
C GLY A 132 -0.66 12.55 15.82
N PRO A 133 -0.45 11.48 15.03
CA PRO A 133 -0.99 10.16 15.37
C PRO A 133 -0.22 9.53 16.52
N ASP A 134 -0.09 10.30 17.61
CA ASP A 134 0.61 9.79 18.78
C ASP A 134 -0.38 9.25 19.82
N LEU A 135 -0.51 7.91 19.85
CA LEU A 135 -1.44 7.31 20.80
C LEU A 135 -1.07 7.64 22.25
N VAL A 136 0.25 7.61 22.51
CA VAL A 136 0.72 7.92 23.86
C VAL A 136 0.35 9.35 24.25
N LEU A 137 0.66 10.29 23.33
CA LEU A 137 0.28 11.67 23.56
C LEU A 137 -1.25 11.80 23.68
N ALA A 138 -1.94 11.00 22.86
CA ALA A 138 -3.40 11.00 22.92
C ALA A 138 -3.92 10.60 24.30
N LYS A 139 -3.24 9.61 24.90
CA LYS A 139 -3.66 9.14 26.22
C LYS A 139 -3.42 10.22 27.29
N ARG A 140 -2.31 10.97 27.10
CA ARG A 140 -2.04 12.07 28.01
C ARG A 140 -3.08 13.18 27.85
N LEU A 141 -3.37 13.51 26.58
CA LEU A 141 -4.39 14.52 26.33
C LEU A 141 -5.73 14.14 26.97
N ALA A 142 -5.99 12.81 26.99
CA ALA A 142 -7.26 12.32 27.54
C ALA A 142 -7.32 12.45 29.06
N ALA A 143 -6.15 12.23 29.70
CA ALA A 143 -6.11 12.35 31.16
C ALA A 143 -6.13 13.82 31.59
N LEU A 144 -5.82 14.70 30.63
CA LEU A 144 -5.83 16.14 30.93
C LEU A 144 -7.26 16.66 31.02
N GLY A 145 -8.19 15.92 30.38
CA GLY A 145 -9.58 16.36 30.38
C GLY A 145 -10.00 16.87 28.99
N THR A 146 -9.50 16.19 27.96
CA THR A 146 -9.88 16.61 26.62
C THR A 146 -11.16 15.90 26.18
N ALA A 147 -11.99 16.64 25.43
CA ALA A 147 -13.28 16.07 25.05
C ALA A 147 -13.13 15.25 23.78
N THR A 148 -11.96 15.43 23.15
CA THR A 148 -11.67 14.68 21.94
C THR A 148 -10.17 14.47 21.76
N VAL A 149 -9.86 13.69 20.73
CA VAL A 149 -8.50 13.61 20.25
C VAL A 149 -8.54 13.50 18.73
N MET A 150 -7.73 14.32 18.07
CA MET A 150 -7.90 14.40 16.62
C MET A 150 -6.60 14.12 15.87
N PRO A 151 -6.28 12.82 15.76
CA PRO A 151 -5.12 12.39 15.01
C PRO A 151 -5.30 12.71 13.53
N LEU A 152 -4.24 13.29 12.93
CA LEU A 152 -4.41 13.60 11.52
C LEU A 152 -4.13 12.38 10.63
N ALA A 153 -4.90 12.29 9.53
CA ALA A 153 -4.69 11.17 8.60
C ALA A 153 -3.40 11.29 7.77
N ALA A 154 -3.01 12.55 7.47
CA ALA A 154 -1.82 12.83 6.69
C ALA A 154 -1.52 14.33 6.65
N PRO A 155 -0.43 14.80 6.08
CA PRO A 155 -0.25 16.24 6.00
C PRO A 155 -1.47 17.06 5.51
N ILE A 156 -1.81 18.13 6.29
CA ILE A 156 -3.02 18.90 5.97
C ILE A 156 -3.18 19.42 4.54
N GLY A 157 -4.39 19.21 3.98
CA GLY A 157 -4.68 19.74 2.65
C GLY A 157 -4.02 18.90 1.55
N SER A 158 -3.15 17.97 1.98
CA SER A 158 -2.46 17.13 1.01
C SER A 158 -3.46 16.30 0.20
N GLY A 159 -4.37 15.64 0.94
CA GLY A 159 -5.37 14.81 0.28
C GLY A 159 -4.77 13.47 -0.13
N TRP A 160 -3.58 13.18 0.45
CA TRP A 160 -2.93 11.90 0.23
C TRP A 160 -3.92 10.77 0.52
N GLY A 161 -4.46 10.84 1.75
CA GLY A 161 -5.37 9.80 2.20
C GLY A 161 -5.06 9.38 3.64
N VAL A 162 -5.37 8.10 3.95
CA VAL A 162 -5.09 7.60 5.28
C VAL A 162 -3.68 7.00 5.38
N ARG A 163 -2.70 7.87 5.09
CA ARG A 163 -1.31 7.45 5.13
C ARG A 163 -0.87 7.06 6.54
N THR A 164 -1.66 7.55 7.52
CA THR A 164 -1.30 7.26 8.91
C THR A 164 -2.08 6.06 9.45
N ARG A 165 -2.46 5.19 8.50
CA ARG A 165 -3.35 4.06 8.81
C ARG A 165 -2.83 3.22 9.98
N ALA A 166 -1.58 2.73 9.82
CA ALA A 166 -1.04 1.79 10.79
C ALA A 166 -1.16 2.30 12.24
N LEU A 167 -1.03 3.63 12.40
CA LEU A 167 -1.07 4.19 13.75
C LEU A 167 -2.50 4.43 14.24
N LEU A 168 -3.39 4.82 13.28
CA LEU A 168 -4.79 5.06 13.62
C LEU A 168 -5.50 3.78 14.01
N GLU A 169 -4.88 2.65 13.66
CA GLU A 169 -5.43 1.37 14.07
C GLU A 169 -5.28 1.18 15.58
N LEU A 170 -4.15 1.70 16.10
CA LEU A 170 -3.94 1.64 17.54
C LEU A 170 -4.96 2.49 18.29
N PHE A 171 -5.27 3.66 17.72
CA PHE A 171 -6.33 4.48 18.29
C PHE A 171 -7.64 3.69 18.36
N ALA A 172 -7.90 2.95 17.27
CA ALA A 172 -9.12 2.13 17.22
C ALA A 172 -9.13 1.06 18.31
N ARG A 173 -7.92 0.51 18.57
CA ARG A 173 -7.81 -0.55 19.57
C ARG A 173 -7.98 0.00 21.00
N GLU A 174 -7.41 1.20 21.22
CA GLU A 174 -7.58 1.83 22.51
C GLU A 174 -8.73 2.84 22.45
N LYS A 175 -9.74 2.46 21.65
CA LYS A 175 -10.91 3.31 21.50
C LYS A 175 -11.58 3.61 22.85
N ALA A 176 -11.58 2.61 23.73
CA ALA A 176 -12.39 2.71 24.95
C ALA A 176 -11.69 3.49 26.06
N SER A 177 -10.37 3.70 25.88
CA SER A 177 -9.62 4.48 26.86
C SER A 177 -9.52 5.96 26.47
N LEU A 178 -9.77 6.21 25.17
CA LEU A 178 -9.70 7.59 24.68
C LEU A 178 -11.09 8.20 24.60
N PRO A 179 -11.09 9.55 24.61
CA PRO A 179 -12.27 10.31 24.24
C PRO A 179 -12.60 10.07 22.76
N PRO A 180 -13.73 10.58 22.27
CA PRO A 180 -14.07 10.42 20.87
C PRO A 180 -12.88 10.77 19.97
N VAL A 181 -12.64 9.89 18.98
CA VAL A 181 -11.51 10.10 18.08
C VAL A 181 -11.95 10.65 16.72
N VAL A 182 -11.57 11.91 16.46
CA VAL A 182 -11.94 12.51 15.19
C VAL A 182 -10.72 12.63 14.28
N VAL A 183 -10.87 12.11 13.04
CA VAL A 183 -9.71 12.21 12.16
C VAL A 183 -9.80 13.42 11.23
N ASP A 184 -8.82 14.34 11.38
CA ASP A 184 -8.78 15.48 10.46
C ASP A 184 -7.45 15.56 9.70
N ALA A 185 -7.49 16.31 8.58
CA ALA A 185 -6.26 16.63 7.85
C ALA A 185 -5.62 15.42 7.17
N GLY A 186 -5.95 15.26 5.87
CA GLY A 186 -5.27 14.22 5.10
C GLY A 186 -6.20 13.52 4.11
N LEU A 187 -7.52 13.66 4.36
CA LEU A 187 -8.49 12.92 3.54
C LEU A 187 -8.83 13.65 2.23
N GLY A 188 -8.80 12.90 1.11
CA GLY A 188 -8.99 13.53 -0.19
C GLY A 188 -10.19 12.93 -0.94
N LEU A 189 -10.59 11.73 -0.49
CA LEU A 189 -11.79 11.11 -1.04
C LEU A 189 -12.68 10.62 0.10
N PRO A 190 -14.01 10.48 -0.18
CA PRO A 190 -14.93 9.89 0.79
C PRO A 190 -14.58 8.45 1.15
N SER A 191 -13.98 7.73 0.18
CA SER A 191 -13.54 6.38 0.52
C SER A 191 -12.52 6.40 1.65
N HIS A 192 -11.82 7.55 1.76
CA HIS A 192 -10.89 7.71 2.88
C HIS A 192 -11.64 7.73 4.21
N ALA A 193 -12.68 8.58 4.26
CA ALA A 193 -13.46 8.71 5.49
C ALA A 193 -14.14 7.39 5.87
N ALA A 194 -14.67 6.71 4.85
CA ALA A 194 -15.29 5.42 5.10
C ALA A 194 -14.31 4.46 5.79
N GLU A 195 -13.10 4.40 5.22
CA GLU A 195 -12.07 3.54 5.79
C GLU A 195 -11.87 3.83 7.28
N VAL A 196 -11.73 5.14 7.59
CA VAL A 196 -11.53 5.54 8.98
C VAL A 196 -12.71 5.14 9.87
N MET A 197 -13.92 5.33 9.32
CA MET A 197 -15.12 4.99 10.09
C MET A 197 -15.30 3.48 10.23
N GLU A 198 -14.83 2.70 9.26
CA GLU A 198 -14.92 1.25 9.35
C GLU A 198 -14.06 0.69 10.50
N LEU A 199 -13.04 1.45 10.91
CA LEU A 199 -12.12 1.05 11.99
C LEU A 199 -12.77 1.19 13.38
N GLY A 200 -13.85 2.00 13.42
CA GLY A 200 -14.55 2.23 14.68
C GLY A 200 -14.21 3.59 15.28
N LEU A 201 -13.52 4.42 14.49
CA LEU A 201 -13.28 5.80 14.92
C LEU A 201 -14.59 6.60 14.96
N ASP A 202 -14.58 7.65 15.79
CA ASP A 202 -15.83 8.33 16.10
C ASP A 202 -16.31 9.27 14.99
N ALA A 203 -15.38 10.03 14.40
CA ALA A 203 -15.79 10.99 13.37
C ALA A 203 -14.63 11.46 12.51
N VAL A 204 -14.98 12.19 11.43
CA VAL A 204 -13.96 12.78 10.58
C VAL A 204 -14.20 14.27 10.36
N LEU A 205 -13.09 14.98 10.07
CA LEU A 205 -13.19 16.40 9.76
C LEU A 205 -12.59 16.70 8.38
N VAL A 206 -13.46 17.15 7.46
CA VAL A 206 -13.00 17.38 6.09
C VAL A 206 -13.03 18.85 5.69
N ASN A 207 -12.05 19.26 4.86
CA ASN A 207 -11.96 20.68 4.49
C ASN A 207 -11.49 20.90 3.06
N THR A 208 -10.23 20.49 2.81
CA THR A 208 -9.66 20.69 1.48
C THR A 208 -10.39 19.86 0.42
N ALA A 209 -10.71 18.62 0.84
CA ALA A 209 -11.28 17.65 -0.09
C ALA A 209 -12.60 18.13 -0.71
N ILE A 210 -13.45 18.71 0.14
CA ILE A 210 -14.75 19.17 -0.36
C ILE A 210 -14.64 20.47 -1.15
N ALA A 211 -13.88 21.43 -0.58
CA ALA A 211 -13.82 22.75 -1.18
C ALA A 211 -13.02 22.78 -2.48
N GLU A 212 -11.89 22.03 -2.48
CA GLU A 212 -11.04 22.07 -3.66
C GLU A 212 -11.65 21.34 -4.85
N ALA A 213 -12.78 20.64 -4.58
CA ALA A 213 -13.42 19.85 -5.63
C ALA A 213 -14.21 20.70 -6.64
N GLN A 214 -14.36 20.16 -7.86
CA GLN A 214 -15.09 20.87 -8.92
C GLN A 214 -16.52 21.24 -8.50
N ASP A 215 -17.20 20.26 -7.91
CA ASP A 215 -18.55 20.45 -7.44
C ASP A 215 -18.60 20.24 -5.94
N PRO A 216 -18.17 21.25 -5.17
CA PRO A 216 -18.16 21.18 -3.70
C PRO A 216 -19.42 20.61 -3.04
N PRO A 217 -20.62 21.07 -3.47
CA PRO A 217 -21.85 20.55 -2.85
C PRO A 217 -21.99 19.06 -3.05
N ALA A 218 -21.71 18.61 -4.27
CA ALA A 218 -21.80 17.20 -4.62
C ALA A 218 -20.84 16.37 -3.75
N MET A 219 -19.59 16.83 -3.67
CA MET A 219 -18.58 16.12 -2.90
C MET A 219 -18.94 16.14 -1.42
N ALA A 220 -19.56 17.22 -0.98
CA ALA A 220 -19.97 17.28 0.42
C ALA A 220 -20.99 16.19 0.75
N GLU A 221 -21.86 15.92 -0.24
CA GLU A 221 -22.82 14.84 -0.06
C GLU A 221 -22.13 13.48 -0.09
N ALA A 222 -21.28 13.30 -1.12
CA ALA A 222 -20.51 12.07 -1.18
C ALA A 222 -19.89 11.72 0.18
N PHE A 223 -19.14 12.69 0.72
CA PHE A 223 -18.51 12.47 2.02
C PHE A 223 -19.53 12.11 3.10
N ARG A 224 -20.72 12.74 2.99
CA ARG A 224 -21.78 12.43 3.94
C ARG A 224 -22.16 10.95 3.88
N LEU A 225 -22.46 10.50 2.65
CA LEU A 225 -22.84 9.10 2.49
C LEU A 225 -21.72 8.18 2.97
N ALA A 226 -20.47 8.63 2.75
CA ALA A 226 -19.34 7.79 3.11
C ALA A 226 -19.16 7.65 4.62
N VAL A 227 -19.36 8.78 5.34
CA VAL A 227 -19.28 8.62 6.79
C VAL A 227 -20.40 7.75 7.33
N GLU A 228 -21.59 7.90 6.71
CA GLU A 228 -22.72 7.06 7.12
C GLU A 228 -22.47 5.60 6.75
N ALA A 229 -21.95 5.40 5.52
CA ALA A 229 -21.67 4.05 5.06
C ALA A 229 -20.62 3.36 5.95
N GLY A 230 -19.50 4.07 6.16
CA GLY A 230 -18.42 3.50 6.96
C GLY A 230 -18.88 3.18 8.38
N ARG A 231 -19.70 4.08 8.94
CA ARG A 231 -20.14 3.89 10.31
C ARG A 231 -21.04 2.65 10.46
N LYS A 232 -21.97 2.48 9.51
CA LYS A 232 -22.85 1.32 9.56
C LYS A 232 -22.07 0.01 9.34
N ALA A 233 -21.05 0.09 8.46
CA ALA A 233 -20.23 -1.09 8.22
C ALA A 233 -19.62 -1.60 9.53
N TYR A 234 -19.08 -0.64 10.31
CA TYR A 234 -18.46 -1.01 11.58
C TYR A 234 -19.48 -1.65 12.54
N LEU A 235 -20.67 -1.04 12.60
CA LEU A 235 -21.70 -1.54 13.51
C LEU A 235 -22.29 -2.87 13.02
N ALA A 236 -22.09 -3.13 11.70
CA ALA A 236 -22.65 -4.33 11.09
C ALA A 236 -21.74 -5.56 11.24
N GLY A 237 -20.51 -5.31 11.73
CA GLY A 237 -19.58 -6.41 11.94
C GLY A 237 -19.08 -7.00 10.61
N PRO A 238 -18.03 -6.38 10.05
CA PRO A 238 -17.47 -6.81 8.77
C PRO A 238 -17.04 -8.27 8.85
N MET A 239 -17.10 -8.93 7.69
CA MET A 239 -16.58 -10.29 7.63
C MET A 239 -15.07 -10.30 7.88
N ARG A 240 -14.51 -11.49 8.11
CA ARG A 240 -13.08 -11.56 8.35
C ARG A 240 -12.32 -12.18 7.17
N PRO A 241 -11.40 -11.39 6.61
CA PRO A 241 -10.45 -11.91 5.64
C PRO A 241 -9.43 -12.82 6.31
N MET B 1 -30.73 10.53 -13.28
CA MET B 1 -30.24 10.65 -14.65
C MET B 1 -28.85 10.03 -14.80
N ASP B 2 -28.37 9.44 -13.69
CA ASP B 2 -27.08 8.75 -13.77
C ASP B 2 -27.27 7.25 -13.94
N THR B 3 -27.96 6.88 -15.03
CA THR B 3 -28.22 5.48 -15.27
C THR B 3 -27.19 4.91 -16.24
N TRP B 4 -26.98 3.58 -16.12
CA TRP B 4 -26.09 2.94 -17.09
C TRP B 4 -26.82 1.75 -17.72
N LYS B 5 -26.38 1.38 -18.94
CA LYS B 5 -27.11 0.35 -19.65
C LYS B 5 -26.29 -0.92 -19.86
N VAL B 6 -26.84 -2.06 -19.38
CA VAL B 6 -26.25 -3.33 -19.77
C VAL B 6 -26.95 -3.87 -21.01
N GLY B 7 -26.36 -3.58 -22.18
CA GLY B 7 -27.07 -3.89 -23.41
C GLY B 7 -28.30 -2.98 -23.53
N PRO B 8 -29.47 -3.63 -23.69
CA PRO B 8 -30.73 -2.91 -23.78
C PRO B 8 -31.34 -2.64 -22.39
N VAL B 9 -30.67 -3.13 -21.32
CA VAL B 9 -31.27 -2.97 -20.00
C VAL B 9 -30.74 -1.74 -19.26
N GLU B 10 -31.68 -0.90 -18.79
CA GLU B 10 -31.29 0.29 -18.05
C GLU B 10 -31.43 0.08 -16.54
N LEU B 11 -30.27 0.06 -15.86
CA LEU B 11 -30.28 0.00 -14.40
C LEU B 11 -29.96 1.35 -13.77
N LYS B 12 -30.34 1.48 -12.49
CA LYS B 12 -29.98 2.68 -11.75
C LYS B 12 -28.86 2.40 -10.75
N SER B 13 -29.16 1.47 -9.82
CA SER B 13 -28.17 1.12 -8.82
C SER B 13 -26.93 0.52 -9.49
N ARG B 14 -25.76 0.94 -9.00
CA ARG B 14 -24.53 0.42 -9.56
C ARG B 14 -24.03 -0.74 -8.71
N LEU B 15 -24.82 -1.01 -7.65
CA LEU B 15 -24.48 -2.05 -6.68
C LEU B 15 -25.23 -3.36 -6.99
N ILE B 16 -24.61 -4.29 -7.71
CA ILE B 16 -25.25 -5.57 -8.02
C ILE B 16 -24.92 -6.63 -6.96
N LEU B 17 -25.98 -7.23 -6.41
CA LEU B 17 -25.78 -8.16 -5.30
C LEU B 17 -25.72 -9.62 -5.75
N GLY B 18 -25.31 -10.49 -4.81
CA GLY B 18 -25.26 -11.92 -5.08
C GLY B 18 -25.98 -12.70 -3.98
N SER B 19 -26.42 -13.93 -4.34
CA SER B 19 -27.33 -14.65 -3.47
C SER B 19 -26.64 -15.57 -2.45
N GLY B 20 -25.38 -15.93 -2.74
CA GLY B 20 -24.75 -16.99 -1.96
C GLY B 20 -24.47 -16.59 -0.51
N LYS B 21 -24.20 -17.63 0.33
CA LYS B 21 -23.74 -17.40 1.69
C LYS B 21 -24.78 -16.90 2.69
N TYR B 22 -25.97 -16.55 2.16
CA TYR B 22 -26.99 -16.09 3.07
C TYR B 22 -27.50 -17.27 3.88
N GLU B 23 -27.42 -17.11 5.20
CA GLU B 23 -27.81 -18.20 6.08
C GLU B 23 -29.17 -18.77 5.66
N ASP B 24 -30.18 -17.89 5.75
CA ASP B 24 -31.50 -18.25 5.26
C ASP B 24 -31.94 -17.33 4.13
N PHE B 25 -33.24 -17.32 3.81
CA PHE B 25 -33.74 -16.51 2.69
C PHE B 25 -34.35 -15.19 3.18
N GLY B 26 -34.82 -15.22 4.44
CA GLY B 26 -35.43 -14.02 5.00
C GLY B 26 -34.43 -12.87 5.08
N VAL B 27 -33.24 -13.19 5.62
CA VAL B 27 -32.18 -12.20 5.67
C VAL B 27 -31.80 -11.72 4.27
N MET B 28 -31.68 -12.69 3.35
CA MET B 28 -31.28 -12.36 1.98
C MET B 28 -32.21 -11.30 1.37
N ARG B 29 -33.52 -11.47 1.63
CA ARG B 29 -34.47 -10.51 1.09
C ARG B 29 -34.39 -9.16 1.82
N GLU B 30 -34.04 -9.24 3.12
CA GLU B 30 -33.76 -8.01 3.86
C GLU B 30 -32.54 -7.29 3.28
N ALA B 31 -31.52 -8.11 2.94
CA ALA B 31 -30.32 -7.55 2.35
C ALA B 31 -30.60 -6.89 1.00
N ILE B 32 -31.26 -7.64 0.11
CA ILE B 32 -31.49 -7.17 -1.25
C ILE B 32 -32.22 -5.81 -1.24
N ALA B 33 -33.21 -5.71 -0.34
CA ALA B 33 -33.97 -4.47 -0.24
C ALA B 33 -33.15 -3.34 0.39
N ALA B 34 -32.46 -3.69 1.48
CA ALA B 34 -31.64 -2.68 2.17
C ALA B 34 -30.65 -2.02 1.21
N ALA B 35 -30.14 -2.82 0.27
CA ALA B 35 -29.18 -2.28 -0.70
C ALA B 35 -29.89 -1.58 -1.85
N LYS B 36 -31.21 -1.84 -1.96
CA LYS B 36 -31.97 -1.29 -3.09
C LYS B 36 -31.47 -1.83 -4.42
N ALA B 37 -31.06 -3.12 -4.39
CA ALA B 37 -30.51 -3.73 -5.59
C ALA B 37 -31.60 -4.22 -6.55
N GLU B 38 -31.25 -4.27 -7.85
CA GLU B 38 -32.23 -4.70 -8.84
C GLU B 38 -31.79 -5.97 -9.56
N VAL B 39 -30.46 -6.16 -9.66
CA VAL B 39 -29.95 -7.36 -10.30
C VAL B 39 -29.23 -8.26 -9.29
N VAL B 40 -29.71 -9.51 -9.19
CA VAL B 40 -29.04 -10.47 -8.32
C VAL B 40 -28.61 -11.71 -9.11
N THR B 41 -27.35 -12.13 -8.87
CA THR B 41 -26.86 -13.28 -9.61
C THR B 41 -27.32 -14.58 -8.93
N VAL B 42 -27.60 -15.59 -9.78
CA VAL B 42 -27.97 -16.89 -9.24
C VAL B 42 -27.19 -17.97 -9.99
N SER B 43 -27.07 -19.15 -9.35
CA SER B 43 -26.29 -20.21 -9.96
C SER B 43 -27.16 -21.42 -10.35
N VAL B 44 -26.70 -22.13 -11.39
CA VAL B 44 -27.42 -23.32 -11.85
C VAL B 44 -26.72 -24.60 -11.40
N ARG B 45 -27.48 -25.45 -10.68
CA ARG B 45 -26.86 -26.63 -10.08
C ARG B 45 -27.83 -27.81 -9.93
N ARG B 46 -27.24 -29.02 -9.96
CA ARG B 46 -28.06 -30.24 -9.87
C ARG B 46 -28.83 -30.33 -8.55
N VAL B 47 -30.14 -30.64 -8.69
CA VAL B 47 -30.97 -30.82 -7.51
C VAL B 47 -30.36 -31.84 -6.55
N GLY B 56 -37.85 -22.14 -3.59
CA GLY B 56 -37.85 -21.31 -2.39
C GLY B 56 -37.03 -20.03 -2.60
N LEU B 57 -36.03 -20.14 -3.50
CA LEU B 57 -35.21 -18.96 -3.80
C LEU B 57 -35.95 -17.97 -4.68
N LEU B 58 -36.55 -18.51 -5.76
CA LEU B 58 -37.28 -17.64 -6.68
C LEU B 58 -38.25 -16.71 -5.96
N GLU B 59 -38.85 -17.26 -4.87
CA GLU B 59 -39.79 -16.45 -4.11
C GLU B 59 -39.09 -15.35 -3.31
N ALA B 60 -37.88 -15.68 -2.83
CA ALA B 60 -37.12 -14.71 -2.07
C ALA B 60 -36.51 -13.63 -2.97
N LEU B 61 -36.36 -13.98 -4.26
CA LEU B 61 -35.69 -13.06 -5.16
C LEU B 61 -36.69 -12.25 -6.00
N GLU B 62 -38.00 -12.48 -5.65
CA GLU B 62 -39.01 -11.78 -6.45
C GLU B 62 -38.90 -10.26 -6.25
N GLY B 63 -39.08 -9.54 -7.38
CA GLY B 63 -38.90 -8.10 -7.34
C GLY B 63 -37.58 -7.69 -7.99
N VAL B 64 -36.63 -8.65 -7.99
CA VAL B 64 -35.33 -8.41 -8.58
C VAL B 64 -35.11 -9.21 -9.89
N ARG B 65 -34.32 -8.60 -10.79
CA ARG B 65 -33.95 -9.27 -12.03
C ARG B 65 -32.85 -10.31 -11.80
N LEU B 66 -33.13 -11.57 -12.18
CA LEU B 66 -32.17 -12.63 -11.94
C LEU B 66 -31.05 -12.61 -12.97
N LEU B 67 -29.81 -12.60 -12.45
CA LEU B 67 -28.65 -12.79 -13.31
C LEU B 67 -28.02 -14.14 -13.06
N PRO B 68 -28.28 -15.06 -14.01
CA PRO B 68 -27.77 -16.42 -13.94
C PRO B 68 -26.25 -16.45 -14.13
N ASN B 69 -25.60 -17.43 -13.46
CA ASN B 69 -24.18 -17.63 -13.74
C ASN B 69 -23.80 -19.08 -14.03
N THR B 70 -22.61 -19.21 -14.64
CA THR B 70 -22.09 -20.54 -14.93
C THR B 70 -21.01 -20.93 -13.90
N ALA B 71 -21.22 -20.53 -12.63
CA ALA B 71 -20.34 -21.05 -11.59
C ALA B 71 -20.26 -22.58 -11.67
N GLY B 72 -19.11 -23.12 -11.23
CA GLY B 72 -18.94 -24.56 -11.27
C GLY B 72 -18.35 -25.03 -12.60
N ALA B 73 -18.50 -24.16 -13.62
CA ALA B 73 -17.98 -24.49 -14.93
C ALA B 73 -16.46 -24.37 -14.98
N ARG B 74 -15.82 -25.38 -15.59
CA ARG B 74 -14.36 -25.38 -15.66
C ARG B 74 -13.86 -25.21 -17.10
N THR B 75 -14.78 -25.42 -18.05
CA THR B 75 -14.43 -25.25 -19.45
C THR B 75 -15.44 -24.36 -20.17
N ALA B 76 -15.18 -24.14 -21.48
CA ALA B 76 -16.13 -23.37 -22.28
C ALA B 76 -17.37 -24.18 -22.60
N GLU B 77 -17.17 -25.50 -22.76
CA GLU B 77 -18.28 -26.38 -23.07
C GLU B 77 -19.27 -26.47 -21.89
N GLU B 78 -18.69 -26.47 -20.67
CA GLU B 78 -19.53 -26.57 -19.48
C GLU B 78 -20.27 -25.26 -19.19
N ALA B 79 -19.59 -24.13 -19.52
CA ALA B 79 -20.18 -22.83 -19.26
C ALA B 79 -21.38 -22.54 -20.17
N VAL B 80 -21.17 -22.80 -21.48
CA VAL B 80 -22.28 -22.65 -22.41
C VAL B 80 -23.44 -23.55 -22.03
N ARG B 81 -23.08 -24.79 -21.65
CA ARG B 81 -24.09 -25.75 -21.21
C ARG B 81 -24.93 -25.18 -20.06
N LEU B 82 -24.23 -24.68 -19.03
CA LEU B 82 -24.94 -24.13 -17.88
C LEU B 82 -25.76 -22.89 -18.26
N ALA B 83 -25.19 -22.09 -19.18
CA ALA B 83 -25.90 -20.90 -19.63
C ALA B 83 -27.24 -21.25 -20.27
N ARG B 84 -27.19 -22.28 -21.14
CA ARG B 84 -28.43 -22.74 -21.76
C ARG B 84 -29.50 -23.08 -20.72
N LEU B 85 -29.07 -23.83 -19.68
CA LEU B 85 -30.02 -24.23 -18.65
C LEU B 85 -30.57 -23.03 -17.88
N GLY B 86 -29.69 -22.02 -17.70
CA GLY B 86 -30.10 -20.83 -16.96
C GLY B 86 -31.12 -20.00 -17.75
N ARG B 87 -30.93 -19.99 -19.09
CA ARG B 87 -31.84 -19.23 -19.94
C ARG B 87 -33.29 -19.71 -19.79
N LEU B 88 -33.45 -21.05 -19.80
CA LEU B 88 -34.78 -21.62 -19.70
C LEU B 88 -35.38 -21.43 -18.31
N LEU B 89 -34.49 -21.21 -17.33
CA LEU B 89 -34.93 -21.22 -15.94
C LEU B 89 -35.22 -19.81 -15.40
N THR B 90 -34.47 -18.82 -15.90
CA THR B 90 -34.75 -17.45 -15.49
C THR B 90 -35.69 -16.75 -16.47
N GLY B 91 -35.48 -17.05 -17.77
CA GLY B 91 -36.25 -16.38 -18.80
C GLY B 91 -35.55 -15.10 -19.28
N GLU B 92 -34.24 -15.04 -19.00
CA GLU B 92 -33.51 -13.82 -19.33
C GLU B 92 -32.44 -14.04 -20.41
N ARG B 93 -32.01 -12.92 -21.02
CA ARG B 93 -31.14 -12.97 -22.17
C ARG B 93 -29.66 -12.80 -21.77
N TRP B 94 -29.44 -12.34 -20.52
CA TRP B 94 -28.07 -12.08 -20.08
C TRP B 94 -27.53 -13.13 -19.11
N VAL B 95 -26.18 -13.25 -19.09
CA VAL B 95 -25.56 -14.31 -18.29
C VAL B 95 -24.15 -13.93 -17.86
N LYS B 96 -23.88 -14.22 -16.57
CA LYS B 96 -22.51 -14.06 -16.08
C LYS B 96 -21.66 -15.25 -16.51
N LEU B 97 -20.69 -14.98 -17.40
CA LEU B 97 -19.83 -16.09 -17.83
C LEU B 97 -18.66 -16.30 -16.87
N GLU B 98 -18.67 -17.47 -16.22
CA GLU B 98 -17.65 -17.76 -15.22
C GLU B 98 -16.96 -19.10 -15.49
N VAL B 99 -15.69 -19.02 -15.92
CA VAL B 99 -14.96 -20.26 -16.23
C VAL B 99 -13.72 -20.41 -15.36
N ILE B 100 -13.91 -21.08 -14.20
CA ILE B 100 -12.79 -21.28 -13.29
C ILE B 100 -12.36 -22.76 -13.24
N PRO B 101 -11.22 -23.04 -13.90
CA PRO B 101 -10.71 -24.40 -13.98
C PRO B 101 -10.42 -24.99 -12.60
N ASP B 102 -9.80 -24.17 -11.74
CA ASP B 102 -9.45 -24.61 -10.40
C ASP B 102 -9.94 -23.66 -9.31
N PRO B 103 -10.95 -24.10 -8.54
CA PRO B 103 -11.65 -23.35 -7.49
C PRO B 103 -10.73 -22.87 -6.33
N THR B 104 -9.45 -23.30 -6.34
CA THR B 104 -8.62 -22.96 -5.19
C THR B 104 -8.59 -21.44 -4.94
N TYR B 105 -8.14 -20.70 -5.98
CA TYR B 105 -8.12 -19.24 -5.89
C TYR B 105 -9.31 -18.63 -6.61
N LEU B 106 -9.99 -19.48 -7.40
CA LEU B 106 -11.16 -19.01 -8.12
C LEU B 106 -10.79 -18.00 -9.21
N LEU B 107 -9.62 -18.22 -9.83
CA LEU B 107 -9.23 -17.38 -10.95
C LEU B 107 -9.76 -17.95 -12.28
N PRO B 108 -10.22 -17.04 -13.17
CA PRO B 108 -10.85 -17.39 -14.45
C PRO B 108 -9.83 -17.68 -15.58
N ASP B 109 -10.19 -18.64 -16.45
CA ASP B 109 -9.33 -19.00 -17.57
C ASP B 109 -9.59 -18.09 -18.77
N PRO B 110 -8.60 -17.24 -19.08
CA PRO B 110 -8.73 -16.18 -20.09
C PRO B 110 -9.13 -16.76 -21.45
N LEU B 111 -8.49 -17.87 -21.81
CA LEU B 111 -8.75 -18.45 -23.13
C LEU B 111 -10.12 -19.14 -23.18
N GLU B 112 -10.54 -19.66 -22.02
CA GLU B 112 -11.81 -20.38 -21.98
C GLU B 112 -13.02 -19.43 -21.89
N THR B 113 -12.79 -18.29 -21.22
CA THR B 113 -13.85 -17.29 -21.13
C THR B 113 -14.06 -16.61 -22.49
N LEU B 114 -12.95 -16.49 -23.23
CA LEU B 114 -13.03 -15.90 -24.56
C LEU B 114 -13.79 -16.81 -25.53
N LYS B 115 -13.50 -18.12 -25.41
CA LYS B 115 -14.13 -19.11 -26.27
C LYS B 115 -15.64 -19.20 -26.01
N ALA B 116 -16.00 -19.17 -24.72
CA ALA B 116 -17.40 -19.33 -24.35
C ALA B 116 -18.22 -18.08 -24.64
N ALA B 117 -17.57 -16.92 -24.51
CA ALA B 117 -18.27 -15.66 -24.79
C ALA B 117 -18.65 -15.54 -26.26
N GLU B 118 -17.70 -15.97 -27.12
CA GLU B 118 -17.95 -15.90 -28.56
C GLU B 118 -19.07 -16.85 -28.99
N ARG B 119 -19.23 -17.95 -28.23
CA ARG B 119 -20.28 -18.89 -28.56
C ARG B 119 -21.65 -18.40 -28.08
N LEU B 120 -21.65 -17.79 -26.88
CA LEU B 120 -22.91 -17.34 -26.30
C LEU B 120 -23.48 -16.12 -27.05
N ILE B 121 -22.56 -15.33 -27.63
CA ILE B 121 -23.02 -14.09 -28.26
C ILE B 121 -23.74 -14.39 -29.57
N GLU B 122 -23.15 -15.30 -30.35
CA GLU B 122 -23.83 -15.70 -31.58
C GLU B 122 -24.98 -16.66 -31.28
N GLU B 123 -25.13 -16.93 -29.97
CA GLU B 123 -26.27 -17.71 -29.52
C GLU B 123 -27.30 -16.82 -28.82
N ASP B 124 -27.19 -15.51 -29.09
CA ASP B 124 -28.21 -14.58 -28.60
C ASP B 124 -28.07 -14.32 -27.10
N PHE B 125 -26.89 -14.63 -26.54
CA PHE B 125 -26.69 -14.41 -25.11
C PHE B 125 -26.04 -13.06 -24.82
N LEU B 126 -26.48 -12.45 -23.70
CA LEU B 126 -25.82 -11.23 -23.25
C LEU B 126 -24.73 -11.60 -22.24
N VAL B 127 -23.48 -11.56 -22.72
CA VAL B 127 -22.39 -12.07 -21.89
C VAL B 127 -21.85 -11.06 -20.90
N LEU B 128 -21.90 -11.46 -19.62
CA LEU B 128 -21.23 -10.69 -18.61
C LEU B 128 -20.09 -11.54 -18.03
N PRO B 129 -18.88 -11.28 -18.56
CA PRO B 129 -17.75 -12.17 -18.38
C PRO B 129 -16.96 -11.87 -17.11
N TYR B 130 -16.91 -12.89 -16.24
CA TYR B 130 -16.03 -12.82 -15.08
C TYR B 130 -14.57 -12.96 -15.51
N MET B 131 -13.67 -12.03 -15.13
CA MET B 131 -12.30 -12.13 -15.63
C MET B 131 -11.29 -11.59 -14.63
N GLY B 132 -10.00 -11.84 -14.94
CA GLY B 132 -8.95 -11.26 -14.12
C GLY B 132 -8.63 -9.84 -14.58
N PRO B 133 -7.76 -9.05 -13.91
CA PRO B 133 -7.51 -7.66 -14.29
C PRO B 133 -6.69 -7.57 -15.58
N ASP B 134 -7.21 -8.16 -16.65
CA ASP B 134 -6.54 -8.16 -17.94
C ASP B 134 -7.19 -7.19 -18.92
N LEU B 135 -6.49 -6.07 -19.16
CA LEU B 135 -7.05 -5.02 -20.01
C LEU B 135 -7.08 -5.42 -21.49
N VAL B 136 -6.09 -6.25 -21.88
CA VAL B 136 -6.04 -6.69 -23.26
C VAL B 136 -7.19 -7.66 -23.52
N LEU B 137 -7.32 -8.65 -22.61
CA LEU B 137 -8.45 -9.57 -22.72
C LEU B 137 -9.80 -8.86 -22.68
N ALA B 138 -9.84 -7.75 -21.93
CA ALA B 138 -11.08 -6.99 -21.82
C ALA B 138 -11.48 -6.37 -23.16
N LYS B 139 -10.47 -5.88 -23.89
CA LYS B 139 -10.72 -5.28 -25.19
C LYS B 139 -11.15 -6.32 -26.22
N ARG B 140 -10.64 -7.56 -26.02
CA ARG B 140 -11.07 -8.66 -26.86
C ARG B 140 -12.55 -8.97 -26.61
N LEU B 141 -12.88 -9.11 -25.32
CA LEU B 141 -14.26 -9.41 -24.95
C LEU B 141 -15.23 -8.36 -25.49
N ALA B 142 -14.83 -7.09 -25.40
CA ALA B 142 -15.67 -6.00 -25.86
C ALA B 142 -15.86 -6.05 -27.38
N ALA B 143 -14.78 -6.49 -28.07
CA ALA B 143 -14.85 -6.59 -29.52
C ALA B 143 -15.71 -7.78 -29.96
N LEU B 144 -15.82 -8.78 -29.06
CA LEU B 144 -16.70 -9.91 -29.27
C LEU B 144 -18.17 -9.49 -29.15
N GLY B 145 -18.44 -8.64 -28.15
CA GLY B 145 -19.81 -8.16 -28.07
C GLY B 145 -20.35 -8.19 -26.63
N THR B 146 -19.57 -8.82 -25.73
CA THR B 146 -20.03 -8.91 -24.34
C THR B 146 -20.55 -7.56 -23.83
N ALA B 147 -21.70 -7.63 -23.14
CA ALA B 147 -22.35 -6.41 -22.70
C ALA B 147 -21.54 -5.65 -21.64
N THR B 148 -20.60 -6.38 -21.01
CA THR B 148 -19.81 -5.78 -19.94
C THR B 148 -18.45 -6.46 -19.75
N VAL B 149 -17.74 -6.07 -18.67
CA VAL B 149 -16.44 -6.68 -18.36
C VAL B 149 -16.16 -6.61 -16.83
N MET B 150 -15.84 -7.77 -16.23
CA MET B 150 -15.75 -7.72 -14.77
C MET B 150 -14.45 -8.38 -14.24
N PRO B 151 -13.40 -7.55 -14.28
CA PRO B 151 -12.17 -7.82 -13.52
C PRO B 151 -12.44 -7.90 -12.01
N LEU B 152 -11.88 -8.93 -11.39
CA LEU B 152 -11.97 -9.09 -9.94
C LEU B 152 -11.07 -8.09 -9.21
N ALA B 153 -11.53 -7.68 -8.01
CA ALA B 153 -10.64 -6.93 -7.12
C ALA B 153 -9.49 -7.77 -6.52
N ALA B 154 -9.82 -9.00 -6.12
CA ALA B 154 -8.83 -9.94 -5.58
C ALA B 154 -9.42 -11.35 -5.67
N PRO B 155 -8.75 -12.43 -5.15
CA PRO B 155 -9.41 -13.73 -5.13
C PRO B 155 -10.84 -13.67 -4.50
N ILE B 156 -11.78 -14.40 -5.14
CA ILE B 156 -13.19 -14.37 -4.71
C ILE B 156 -13.37 -14.67 -3.22
N GLY B 157 -14.13 -13.79 -2.52
CA GLY B 157 -14.53 -14.08 -1.14
C GLY B 157 -13.39 -13.88 -0.13
N SER B 158 -12.18 -13.68 -0.65
CA SER B 158 -11.05 -13.49 0.26
C SER B 158 -11.31 -12.30 1.20
N GLY B 159 -12.05 -11.32 0.66
CA GLY B 159 -12.26 -10.11 1.42
C GLY B 159 -11.01 -9.23 1.40
N TRP B 160 -10.18 -9.44 0.36
CA TRP B 160 -8.86 -8.83 0.32
C TRP B 160 -8.93 -7.34 -0.05
N GLY B 161 -10.05 -6.97 -0.71
CA GLY B 161 -10.21 -5.57 -1.10
C GLY B 161 -9.60 -5.31 -2.48
N VAL B 162 -9.39 -4.02 -2.79
CA VAL B 162 -8.90 -3.66 -4.13
C VAL B 162 -7.38 -3.84 -4.25
N ARG B 163 -6.98 -5.11 -4.48
CA ARG B 163 -5.57 -5.41 -4.60
C ARG B 163 -5.11 -5.38 -6.06
N THR B 164 -6.08 -5.40 -7.00
CA THR B 164 -5.73 -5.24 -8.40
C THR B 164 -5.95 -3.79 -8.85
N ARG B 165 -5.84 -2.88 -7.87
CA ARG B 165 -6.10 -1.47 -8.14
C ARG B 165 -5.22 -0.94 -9.28
N ALA B 166 -3.91 -1.27 -9.18
CA ALA B 166 -2.97 -0.77 -10.18
C ALA B 166 -3.46 -1.05 -11.61
N LEU B 167 -3.82 -2.32 -11.86
CA LEU B 167 -4.28 -2.69 -13.18
C LEU B 167 -5.72 -2.25 -13.43
N LEU B 168 -6.51 -2.23 -12.33
CA LEU B 168 -7.88 -1.75 -12.44
C LEU B 168 -7.92 -0.29 -12.90
N GLU B 169 -6.88 0.46 -12.47
CA GLU B 169 -6.80 1.86 -12.86
C GLU B 169 -6.62 2.02 -14.37
N LEU B 170 -6.09 0.96 -15.00
CA LEU B 170 -5.93 1.00 -16.45
C LEU B 170 -7.29 0.84 -17.15
N PHE B 171 -8.15 0.02 -16.51
CA PHE B 171 -9.50 -0.14 -17.02
C PHE B 171 -10.26 1.20 -17.02
N ALA B 172 -10.04 1.93 -15.94
CA ALA B 172 -10.63 3.24 -15.76
C ALA B 172 -10.06 4.21 -16.80
N ARG B 173 -8.73 4.17 -17.01
CA ARG B 173 -8.07 4.97 -18.02
C ARG B 173 -8.69 4.75 -19.40
N GLU B 174 -9.04 3.49 -19.67
CA GLU B 174 -9.59 3.15 -20.98
C GLU B 174 -11.11 3.01 -20.94
N LYS B 175 -11.70 3.74 -19.98
CA LYS B 175 -13.14 3.69 -19.77
C LYS B 175 -13.95 3.75 -21.07
N ALA B 176 -13.68 4.80 -21.87
CA ALA B 176 -14.51 5.08 -23.03
C ALA B 176 -14.63 3.89 -24.00
N SER B 177 -13.57 3.07 -24.05
CA SER B 177 -13.52 2.04 -25.10
C SER B 177 -14.15 0.69 -24.68
N LEU B 178 -14.45 0.54 -23.37
CA LEU B 178 -15.01 -0.72 -22.92
C LEU B 178 -16.51 -0.62 -22.68
N PRO B 179 -17.16 -1.79 -22.54
CA PRO B 179 -18.54 -1.82 -22.09
C PRO B 179 -18.58 -1.34 -20.64
N PRO B 180 -19.71 -1.36 -19.92
CA PRO B 180 -19.59 -0.91 -18.54
C PRO B 180 -18.65 -1.86 -17.80
N VAL B 181 -17.79 -1.30 -16.94
CA VAL B 181 -16.86 -2.15 -16.19
C VAL B 181 -17.35 -2.42 -14.78
N VAL B 182 -17.65 -3.70 -14.52
CA VAL B 182 -18.14 -4.07 -13.20
C VAL B 182 -17.11 -4.85 -12.39
N VAL B 183 -16.69 -4.25 -11.26
CA VAL B 183 -15.73 -4.96 -10.44
C VAL B 183 -16.43 -5.96 -9.54
N ASP B 184 -16.05 -7.27 -9.69
CA ASP B 184 -16.60 -8.32 -8.82
C ASP B 184 -15.52 -9.22 -8.21
N ALA B 185 -15.81 -9.81 -7.03
CA ALA B 185 -14.85 -10.68 -6.37
C ALA B 185 -13.67 -9.92 -5.73
N GLY B 186 -13.73 -9.62 -4.41
CA GLY B 186 -12.56 -9.03 -3.77
C GLY B 186 -12.96 -8.11 -2.62
N LEU B 187 -14.15 -7.50 -2.77
CA LEU B 187 -14.54 -6.41 -1.87
C LEU B 187 -15.07 -6.91 -0.53
N GLY B 188 -14.43 -6.51 0.58
CA GLY B 188 -14.87 -6.99 1.89
C GLY B 188 -15.48 -5.85 2.72
N LEU B 189 -15.17 -4.60 2.30
CA LEU B 189 -15.71 -3.43 2.99
C LEU B 189 -16.27 -2.43 1.97
N PRO B 190 -17.24 -1.64 2.43
CA PRO B 190 -17.89 -0.62 1.60
C PRO B 190 -16.86 0.36 1.00
N SER B 191 -15.88 0.78 1.83
CA SER B 191 -14.88 1.69 1.29
C SER B 191 -14.15 1.19 0.04
N HIS B 192 -14.10 -0.16 -0.09
CA HIS B 192 -13.50 -0.78 -1.26
C HIS B 192 -14.32 -0.44 -2.51
N ALA B 193 -15.66 -0.44 -2.32
CA ALA B 193 -16.54 -0.13 -3.43
C ALA B 193 -16.48 1.36 -3.78
N ALA B 194 -16.42 2.19 -2.71
CA ALA B 194 -16.27 3.62 -2.93
C ALA B 194 -15.02 3.92 -3.75
N GLU B 195 -13.92 3.22 -3.38
CA GLU B 195 -12.68 3.42 -4.10
C GLU B 195 -12.81 3.06 -5.59
N VAL B 196 -13.47 1.92 -5.85
CA VAL B 196 -13.61 1.47 -7.23
C VAL B 196 -14.51 2.40 -8.03
N MET B 197 -15.48 3.01 -7.32
CA MET B 197 -16.39 3.93 -7.99
C MET B 197 -15.74 5.26 -8.30
N GLU B 198 -14.99 5.78 -7.30
CA GLU B 198 -14.31 7.05 -7.48
C GLU B 198 -13.32 7.00 -8.65
N LEU B 199 -12.99 5.77 -9.08
CA LEU B 199 -12.09 5.62 -10.20
C LEU B 199 -12.79 5.92 -11.53
N GLY B 200 -14.14 5.88 -11.46
CA GLY B 200 -14.92 6.16 -12.66
C GLY B 200 -15.57 4.89 -13.23
N LEU B 201 -15.30 3.76 -12.56
CA LEU B 201 -15.86 2.50 -13.02
C LEU B 201 -17.38 2.47 -12.83
N ASP B 202 -18.04 1.62 -13.63
CA ASP B 202 -19.49 1.68 -13.73
C ASP B 202 -20.24 1.14 -12.51
N ALA B 203 -19.95 -0.14 -12.19
CA ALA B 203 -20.70 -0.77 -11.12
C ALA B 203 -19.84 -1.71 -10.29
N VAL B 204 -20.47 -2.28 -9.25
CA VAL B 204 -19.78 -3.15 -8.30
C VAL B 204 -20.65 -4.35 -7.94
N LEU B 205 -20.01 -5.53 -7.83
CA LEU B 205 -20.79 -6.74 -7.53
C LEU B 205 -20.35 -7.40 -6.23
N VAL B 206 -21.23 -7.27 -5.21
CA VAL B 206 -20.84 -7.70 -3.86
C VAL B 206 -21.66 -8.90 -3.38
N ASN B 207 -20.94 -9.91 -2.85
CA ASN B 207 -21.57 -11.12 -2.34
C ASN B 207 -21.18 -11.39 -0.89
N THR B 208 -19.95 -11.94 -0.77
CA THR B 208 -19.44 -12.38 0.51
C THR B 208 -19.55 -11.29 1.60
N ALA B 209 -19.06 -10.10 1.26
CA ALA B 209 -18.95 -9.04 2.26
C ALA B 209 -20.27 -8.75 2.98
N ILE B 210 -21.39 -8.98 2.26
CA ILE B 210 -22.68 -8.67 2.89
C ILE B 210 -23.24 -9.86 3.66
N ALA B 211 -23.27 -11.03 3.00
CA ALA B 211 -23.85 -12.20 3.63
C ALA B 211 -23.04 -12.69 4.83
N GLU B 212 -21.71 -12.53 4.75
CA GLU B 212 -20.85 -13.04 5.81
C GLU B 212 -20.70 -12.05 6.98
N ALA B 213 -21.65 -11.09 7.07
CA ALA B 213 -21.53 -10.08 8.12
C ALA B 213 -22.52 -10.32 9.25
N GLN B 214 -22.17 -9.87 10.46
CA GLN B 214 -23.03 -10.03 11.62
C GLN B 214 -24.43 -9.60 11.27
N ASP B 215 -24.55 -8.44 10.63
CA ASP B 215 -25.84 -7.90 10.23
C ASP B 215 -25.84 -7.66 8.73
N PRO B 216 -26.18 -8.71 7.94
CA PRO B 216 -26.20 -8.58 6.48
C PRO B 216 -27.01 -7.38 5.96
N PRO B 217 -28.25 -7.20 6.44
CA PRO B 217 -29.08 -6.09 6.00
C PRO B 217 -28.40 -4.75 6.20
N ALA B 218 -27.94 -4.51 7.43
CA ALA B 218 -27.22 -3.28 7.75
C ALA B 218 -26.01 -3.06 6.84
N MET B 219 -25.29 -4.16 6.57
CA MET B 219 -24.11 -4.04 5.71
C MET B 219 -24.48 -3.87 4.24
N ALA B 220 -25.69 -4.33 3.89
CA ALA B 220 -26.18 -4.13 2.53
C ALA B 220 -26.47 -2.67 2.25
N GLU B 221 -26.90 -1.96 3.32
CA GLU B 221 -27.17 -0.53 3.19
C GLU B 221 -25.87 0.27 3.11
N ALA B 222 -24.92 -0.11 3.99
CA ALA B 222 -23.63 0.57 3.98
C ALA B 222 -23.00 0.52 2.59
N PHE B 223 -23.09 -0.67 1.96
CA PHE B 223 -22.57 -0.80 0.61
C PHE B 223 -23.36 0.07 -0.38
N ARG B 224 -24.66 0.20 -0.08
CA ARG B 224 -25.50 1.07 -0.90
C ARG B 224 -25.02 2.52 -0.83
N LEU B 225 -24.87 3.01 0.41
CA LEU B 225 -24.36 4.37 0.59
C LEU B 225 -22.99 4.54 -0.05
N ALA B 226 -22.12 3.54 0.18
CA ALA B 226 -20.75 3.64 -0.28
C ALA B 226 -20.65 3.79 -1.80
N VAL B 227 -21.41 2.92 -2.51
CA VAL B 227 -21.36 2.97 -3.96
C VAL B 227 -21.97 4.26 -4.52
N GLU B 228 -22.94 4.79 -3.76
CA GLU B 228 -23.50 6.09 -4.13
C GLU B 228 -22.47 7.20 -3.92
N ALA B 229 -21.78 7.11 -2.76
CA ALA B 229 -20.83 8.15 -2.42
C ALA B 229 -19.65 8.20 -3.39
N GLY B 230 -19.15 7.00 -3.74
CA GLY B 230 -17.98 6.93 -4.61
C GLY B 230 -18.31 7.43 -6.02
N ARG B 231 -19.52 7.07 -6.49
CA ARG B 231 -19.93 7.49 -7.83
C ARG B 231 -20.05 9.02 -7.92
N LYS B 232 -20.57 9.61 -6.86
CA LYS B 232 -20.75 11.03 -6.78
C LYS B 232 -19.40 11.75 -6.67
N ALA B 233 -18.47 11.17 -5.91
CA ALA B 233 -17.16 11.77 -5.75
C ALA B 233 -16.54 11.86 -7.14
N TYR B 234 -16.68 10.79 -7.90
CA TYR B 234 -16.15 10.75 -9.26
C TYR B 234 -16.77 11.87 -10.11
N LEU B 235 -18.09 12.02 -10.03
CA LEU B 235 -18.78 13.04 -10.80
C LEU B 235 -18.51 14.47 -10.30
N ALA B 236 -18.21 14.59 -9.02
CA ALA B 236 -17.93 15.89 -8.43
C ALA B 236 -16.51 16.40 -8.74
N GLY B 237 -15.72 15.59 -9.43
CA GLY B 237 -14.36 16.00 -9.75
C GLY B 237 -13.53 16.23 -8.50
N PRO B 238 -12.84 15.20 -8.00
CA PRO B 238 -12.00 15.27 -6.80
C PRO B 238 -10.80 16.20 -6.91
N MET B 239 -10.34 16.66 -5.76
CA MET B 239 -9.17 17.53 -5.67
C MET B 239 -7.96 16.70 -6.09
N ARG B 240 -6.91 17.36 -6.54
CA ARG B 240 -5.68 16.71 -6.97
C ARG B 240 -4.64 16.74 -5.86
N PRO B 241 -4.31 15.59 -5.25
CA PRO B 241 -3.31 15.58 -4.16
C PRO B 241 -1.95 16.08 -4.60
N MET C 1 26.30 -23.16 -3.70
CA MET C 1 25.72 -23.00 -5.02
C MET C 1 24.19 -23.10 -4.98
N ASP C 2 23.55 -21.92 -5.10
CA ASP C 2 22.08 -21.86 -5.21
C ASP C 2 21.65 -21.55 -6.65
N THR C 3 21.84 -22.54 -7.52
CA THR C 3 21.61 -22.31 -8.94
C THR C 3 20.17 -22.62 -9.35
N TRP C 4 19.75 -21.96 -10.44
CA TRP C 4 18.48 -22.33 -11.05
C TRP C 4 18.64 -22.55 -12.55
N LYS C 5 17.70 -23.37 -13.08
CA LYS C 5 17.86 -23.82 -14.46
C LYS C 5 16.73 -23.35 -15.36
N VAL C 6 17.12 -22.66 -16.45
CA VAL C 6 16.16 -22.31 -17.47
C VAL C 6 16.21 -23.32 -18.62
N GLY C 7 15.44 -24.41 -18.44
CA GLY C 7 15.68 -25.60 -19.25
C GLY C 7 16.96 -26.30 -18.80
N PRO C 8 17.83 -26.60 -19.78
CA PRO C 8 19.10 -27.25 -19.52
C PRO C 8 20.20 -26.26 -19.09
N VAL C 9 19.87 -24.97 -19.14
CA VAL C 9 20.89 -23.99 -18.81
C VAL C 9 20.94 -23.70 -17.31
N GLU C 10 22.13 -23.94 -16.72
CA GLU C 10 22.30 -23.65 -15.31
C GLU C 10 22.77 -22.20 -15.09
N LEU C 11 21.91 -21.42 -14.42
CA LEU C 11 22.27 -20.03 -14.15
C LEU C 11 22.58 -19.82 -12.67
N LYS C 12 23.40 -18.79 -12.39
CA LYS C 12 23.69 -18.45 -11.01
C LYS C 12 22.95 -17.18 -10.59
N SER C 13 23.35 -16.06 -11.21
CA SER C 13 22.69 -14.80 -10.91
C SER C 13 21.18 -14.89 -11.14
N ARG C 14 20.45 -14.27 -10.23
CA ARG C 14 19.01 -14.24 -10.32
C ARG C 14 18.56 -12.85 -10.73
N LEU C 15 19.50 -12.13 -11.33
CA LEU C 15 19.30 -10.78 -11.85
C LEU C 15 19.57 -10.80 -13.36
N ILE C 16 18.47 -10.68 -14.13
CA ILE C 16 18.62 -10.60 -15.58
C ILE C 16 18.53 -9.12 -15.99
N LEU C 17 19.22 -8.80 -17.09
CA LEU C 17 19.26 -7.40 -17.52
C LEU C 17 18.77 -7.26 -18.96
N GLY C 18 18.16 -6.08 -19.22
CA GLY C 18 17.87 -5.72 -20.60
C GLY C 18 18.86 -4.64 -21.02
N SER C 19 18.91 -4.35 -22.32
CA SER C 19 19.95 -3.44 -22.79
C SER C 19 19.39 -2.13 -23.35
N GLY C 20 18.10 -1.89 -23.05
CA GLY C 20 17.44 -0.71 -23.60
C GLY C 20 17.66 0.55 -22.76
N LYS C 21 17.64 1.72 -23.44
CA LYS C 21 17.63 3.03 -22.76
C LYS C 21 19.03 3.48 -22.33
N TYR C 22 20.03 2.61 -22.52
CA TYR C 22 21.41 3.01 -22.25
C TYR C 22 21.93 3.98 -23.31
N GLU C 23 22.53 5.09 -22.84
CA GLU C 23 22.97 6.14 -23.76
C GLU C 23 24.22 5.74 -24.56
N ASP C 24 25.20 5.17 -23.86
CA ASP C 24 26.36 4.63 -24.58
C ASP C 24 26.69 3.21 -24.12
N PHE C 25 27.26 2.44 -25.08
CA PHE C 25 27.53 1.04 -24.80
C PHE C 25 28.60 0.84 -23.72
N GLY C 26 29.33 1.93 -23.42
CA GLY C 26 30.38 1.85 -22.41
C GLY C 26 29.79 1.69 -21.01
N VAL C 27 28.76 2.51 -20.72
CA VAL C 27 28.11 2.45 -19.42
C VAL C 27 27.29 1.17 -19.28
N MET C 28 26.85 0.65 -20.44
CA MET C 28 26.08 -0.58 -20.44
C MET C 28 26.91 -1.76 -19.94
N ARG C 29 28.10 -1.92 -20.56
CA ARG C 29 28.98 -3.00 -20.13
C ARG C 29 29.35 -2.86 -18.65
N GLU C 30 29.71 -1.63 -18.26
CA GLU C 30 29.96 -1.37 -16.86
C GLU C 30 28.80 -1.89 -15.99
N ALA C 31 27.59 -1.46 -16.37
CA ALA C 31 26.41 -1.84 -15.60
C ALA C 31 26.25 -3.36 -15.48
N ILE C 32 26.34 -4.04 -16.64
CA ILE C 32 26.17 -5.49 -16.62
C ILE C 32 27.19 -6.17 -15.69
N ALA C 33 28.45 -5.70 -15.79
CA ALA C 33 29.49 -6.27 -14.95
C ALA C 33 29.23 -5.97 -13.47
N ALA C 34 28.64 -4.78 -13.23
CA ALA C 34 28.32 -4.39 -11.86
C ALA C 34 27.17 -5.22 -11.30
N ALA C 35 26.29 -5.64 -12.21
CA ALA C 35 25.18 -6.51 -11.80
C ALA C 35 25.63 -7.96 -11.73
N LYS C 36 26.78 -8.23 -12.38
CA LYS C 36 27.27 -9.60 -12.43
C LYS C 36 26.22 -10.51 -13.10
N ALA C 37 25.51 -9.91 -14.06
CA ALA C 37 24.48 -10.67 -14.77
C ALA C 37 25.09 -11.57 -15.83
N GLU C 38 24.47 -12.75 -16.01
CA GLU C 38 24.97 -13.69 -17.00
C GLU C 38 24.20 -13.56 -18.32
N VAL C 39 22.90 -13.27 -18.19
CA VAL C 39 22.06 -13.16 -19.37
C VAL C 39 21.47 -11.76 -19.54
N VAL C 40 21.65 -11.21 -20.77
CA VAL C 40 21.05 -9.92 -21.08
C VAL C 40 20.08 -10.03 -22.26
N THR C 41 19.06 -9.16 -22.25
CA THR C 41 18.04 -9.26 -23.31
C THR C 41 18.30 -8.28 -24.47
N VAL C 42 18.08 -8.77 -25.70
CA VAL C 42 18.34 -7.94 -26.88
C VAL C 42 17.20 -8.04 -27.92
N SER C 43 17.13 -6.99 -28.78
CA SER C 43 16.00 -6.92 -29.72
C SER C 43 16.44 -7.07 -31.18
N VAL C 44 15.48 -7.52 -32.01
CA VAL C 44 15.74 -7.60 -33.46
C VAL C 44 14.95 -6.53 -34.20
N ARG C 45 15.69 -5.69 -34.96
CA ARG C 45 15.01 -4.65 -35.72
C ARG C 45 15.89 -4.11 -36.84
N ARG C 46 15.28 -3.23 -37.66
CA ARG C 46 15.96 -2.71 -38.83
C ARG C 46 17.33 -2.14 -38.45
N VAL C 47 18.35 -2.57 -39.21
CA VAL C 47 19.59 -1.83 -39.15
C VAL C 47 19.41 -0.47 -39.83
N GLU C 48 19.50 0.59 -39.02
CA GLU C 48 19.43 1.92 -39.62
C GLU C 48 20.53 2.08 -40.67
N LEU C 49 20.13 2.57 -41.85
CA LEU C 49 21.07 2.63 -42.95
C LEU C 49 22.40 3.27 -42.52
N LYS C 50 22.30 4.49 -41.95
CA LYS C 50 23.51 5.23 -41.63
C LYS C 50 24.16 4.80 -40.30
N ALA C 51 25.44 4.36 -40.44
CA ALA C 51 26.30 4.01 -39.30
C ALA C 51 25.58 3.22 -38.20
N PRO C 52 25.40 1.90 -38.39
CA PRO C 52 24.81 1.03 -37.40
C PRO C 52 25.86 0.50 -36.43
N GLY C 53 25.70 0.87 -35.14
CA GLY C 53 26.63 0.36 -34.15
C GLY C 53 26.15 -0.98 -33.56
N HIS C 54 25.42 -1.73 -34.41
CA HIS C 54 24.91 -3.02 -33.95
C HIS C 54 26.05 -4.00 -33.65
N VAL C 55 27.14 -3.87 -34.45
CA VAL C 55 28.32 -4.68 -34.18
C VAL C 55 29.03 -4.19 -32.93
N GLY C 56 28.83 -2.90 -32.63
CA GLY C 56 29.38 -2.23 -31.46
C GLY C 56 28.71 -2.73 -30.18
N LEU C 57 27.40 -3.02 -30.30
CA LEU C 57 26.68 -3.55 -29.15
C LEU C 57 27.14 -4.94 -28.77
N LEU C 58 27.30 -5.79 -29.81
CA LEU C 58 27.81 -7.14 -29.57
C LEU C 58 29.12 -7.10 -28.79
N GLU C 59 29.94 -6.09 -29.11
CA GLU C 59 31.21 -5.93 -28.41
C GLU C 59 31.01 -5.27 -27.04
N ALA C 60 29.84 -4.60 -26.90
CA ALA C 60 29.53 -3.99 -25.62
C ALA C 60 28.88 -5.00 -24.65
N LEU C 61 28.31 -6.07 -25.24
CA LEU C 61 27.62 -7.05 -24.41
C LEU C 61 28.37 -8.38 -24.33
N GLU C 62 29.70 -8.30 -24.55
CA GLU C 62 30.52 -9.52 -24.63
C GLU C 62 30.84 -10.08 -23.25
N GLY C 63 30.79 -11.42 -23.19
CA GLY C 63 31.04 -12.09 -21.91
C GLY C 63 29.72 -12.45 -21.21
N VAL C 64 28.63 -12.17 -21.96
CA VAL C 64 27.31 -12.47 -21.45
C VAL C 64 26.50 -13.22 -22.52
N ARG C 65 25.49 -13.98 -22.05
CA ARG C 65 24.67 -14.72 -23.01
C ARG C 65 23.42 -13.95 -23.41
N LEU C 66 23.20 -13.87 -24.74
CA LEU C 66 22.10 -13.06 -25.26
C LEU C 66 20.76 -13.80 -25.22
N LEU C 67 19.73 -13.11 -24.74
CA LEU C 67 18.36 -13.60 -24.75
C LEU C 67 17.50 -12.72 -25.66
N PRO C 68 17.28 -13.22 -26.89
CA PRO C 68 16.55 -12.33 -27.81
C PRO C 68 15.05 -12.16 -27.46
N ASN C 69 14.49 -10.98 -27.82
CA ASN C 69 13.05 -10.77 -27.61
C ASN C 69 12.26 -10.54 -28.91
N THR C 70 10.93 -10.60 -28.77
CA THR C 70 10.05 -10.33 -29.88
C THR C 70 9.40 -8.97 -29.68
N ALA C 71 10.24 -8.01 -29.26
CA ALA C 71 9.74 -6.69 -29.00
C ALA C 71 9.36 -6.01 -30.31
N GLY C 72 8.17 -5.41 -30.31
CA GLY C 72 7.63 -4.93 -31.55
C GLY C 72 6.66 -5.95 -32.16
N ALA C 73 6.62 -7.19 -31.67
CA ALA C 73 5.61 -8.12 -32.15
C ALA C 73 4.22 -7.80 -31.57
N ARG C 74 3.25 -7.65 -32.49
CA ARG C 74 1.89 -7.34 -32.07
C ARG C 74 1.00 -8.59 -32.06
N THR C 75 1.42 -9.59 -32.86
CA THR C 75 0.68 -10.84 -32.92
C THR C 75 1.60 -12.06 -32.81
N ALA C 76 0.99 -13.19 -32.57
CA ALA C 76 1.71 -14.45 -32.47
C ALA C 76 2.53 -14.58 -33.73
N GLU C 77 1.89 -14.33 -34.87
CA GLU C 77 2.55 -14.43 -36.16
C GLU C 77 3.88 -13.68 -36.21
N GLU C 78 3.85 -12.40 -35.90
CA GLU C 78 5.06 -11.58 -35.93
C GLU C 78 6.07 -12.02 -34.87
N ALA C 79 5.57 -12.35 -33.69
CA ALA C 79 6.43 -12.79 -32.61
C ALA C 79 7.31 -13.96 -33.07
N VAL C 80 6.67 -15.02 -33.58
CA VAL C 80 7.39 -16.21 -33.97
C VAL C 80 8.37 -15.88 -35.10
N ARG C 81 7.96 -14.88 -35.89
CA ARG C 81 8.81 -14.33 -36.94
C ARG C 81 10.11 -13.79 -36.37
N LEU C 82 9.94 -12.92 -35.37
CA LEU C 82 11.12 -12.31 -34.73
C LEU C 82 11.97 -13.36 -34.02
N ALA C 83 11.32 -14.33 -33.38
CA ALA C 83 12.05 -15.36 -32.67
C ALA C 83 13.00 -16.10 -33.63
N ARG C 84 12.45 -16.43 -34.81
CA ARG C 84 13.26 -17.10 -35.83
C ARG C 84 14.47 -16.25 -36.21
N LEU C 85 14.22 -14.93 -36.37
CA LEU C 85 15.31 -14.03 -36.70
C LEU C 85 16.31 -13.94 -35.54
N GLY C 86 15.75 -13.90 -34.34
CA GLY C 86 16.57 -13.80 -33.15
C GLY C 86 17.46 -15.01 -32.98
N ARG C 87 16.89 -16.19 -33.23
CA ARG C 87 17.66 -17.43 -33.12
C ARG C 87 18.78 -17.48 -34.14
N LEU C 88 18.55 -16.90 -35.32
CA LEU C 88 19.53 -16.90 -36.38
C LEU C 88 20.74 -15.99 -36.07
N LEU C 89 20.47 -14.82 -35.49
CA LEU C 89 21.53 -13.86 -35.16
C LEU C 89 22.19 -14.16 -33.82
N THR C 90 21.49 -14.88 -32.97
CA THR C 90 21.96 -15.19 -31.64
C THR C 90 22.63 -16.55 -31.47
N GLY C 91 22.08 -17.56 -32.13
CA GLY C 91 22.62 -18.90 -32.03
C GLY C 91 21.94 -19.66 -30.92
N GLU C 92 21.17 -18.97 -30.08
CA GLU C 92 20.52 -19.64 -28.96
C GLU C 92 19.11 -20.16 -29.16
N ARG C 93 18.83 -21.22 -28.42
CA ARG C 93 17.57 -21.96 -28.42
C ARG C 93 16.49 -21.25 -27.59
N TRP C 94 16.89 -20.34 -26.70
CA TRP C 94 15.88 -19.69 -25.87
C TRP C 94 15.44 -18.35 -26.45
N VAL C 95 14.23 -17.94 -26.09
CA VAL C 95 13.69 -16.68 -26.59
C VAL C 95 12.77 -16.06 -25.53
N LYS C 96 12.69 -14.73 -25.54
CA LYS C 96 11.81 -14.03 -24.61
C LYS C 96 10.57 -13.65 -25.37
N LEU C 97 9.52 -14.44 -25.22
CA LEU C 97 8.25 -14.20 -25.89
C LEU C 97 7.47 -12.97 -25.41
N GLU C 98 7.36 -11.97 -26.29
CA GLU C 98 6.64 -10.73 -26.02
C GLU C 98 5.59 -10.45 -27.09
N VAL C 99 4.31 -10.43 -26.72
CA VAL C 99 3.26 -10.13 -27.71
C VAL C 99 2.41 -9.00 -27.13
N ILE C 100 2.72 -7.77 -27.55
CA ILE C 100 2.03 -6.58 -27.07
C ILE C 100 1.33 -5.83 -28.17
N PRO C 101 0.02 -6.01 -28.30
CA PRO C 101 -0.75 -5.32 -29.35
C PRO C 101 -0.84 -3.81 -29.18
N ASP C 102 -0.92 -3.33 -27.95
CA ASP C 102 -1.02 -1.89 -27.74
C ASP C 102 0.19 -1.31 -27.02
N PRO C 103 0.88 -0.36 -27.68
CA PRO C 103 2.06 0.31 -27.14
C PRO C 103 1.83 1.38 -26.06
N THR C 104 0.61 1.49 -25.56
CA THR C 104 0.30 2.50 -24.54
C THR C 104 0.71 2.05 -23.12
N TYR C 105 0.42 0.80 -22.80
CA TYR C 105 0.72 0.25 -21.48
C TYR C 105 1.67 -0.92 -21.64
N LEU C 106 1.88 -1.31 -22.89
CA LEU C 106 2.75 -2.41 -23.23
C LEU C 106 2.35 -3.71 -22.53
N LEU C 107 1.04 -3.90 -22.36
CA LEU C 107 0.53 -5.12 -21.72
C LEU C 107 0.48 -6.18 -22.80
N PRO C 108 0.72 -7.45 -22.44
CA PRO C 108 0.70 -8.52 -23.43
C PRO C 108 -0.68 -9.14 -23.69
N ASP C 109 -0.80 -9.82 -24.82
CA ASP C 109 -2.04 -10.49 -25.17
C ASP C 109 -1.93 -11.95 -24.74
N PRO C 110 -2.86 -12.41 -23.89
CA PRO C 110 -2.88 -13.79 -23.40
C PRO C 110 -2.96 -14.84 -24.53
N LEU C 111 -4.02 -14.77 -25.33
CA LEU C 111 -4.20 -15.72 -26.44
C LEU C 111 -3.03 -15.78 -27.40
N GLU C 112 -2.59 -14.62 -27.88
CA GLU C 112 -1.47 -14.55 -28.82
C GLU C 112 -0.17 -15.11 -28.25
N THR C 113 0.06 -14.89 -26.95
CA THR C 113 1.26 -15.39 -26.30
C THR C 113 1.20 -16.92 -26.32
N LEU C 114 0.10 -17.43 -25.76
CA LEU C 114 -0.17 -18.86 -25.68
C LEU C 114 -0.07 -19.49 -27.07
N LYS C 115 -0.59 -18.78 -28.07
CA LYS C 115 -0.54 -19.29 -29.43
C LYS C 115 0.90 -19.35 -29.96
N ALA C 116 1.67 -18.29 -29.70
CA ALA C 116 3.05 -18.23 -30.17
C ALA C 116 3.94 -19.20 -29.40
N ALA C 117 3.63 -19.41 -28.13
CA ALA C 117 4.40 -20.30 -27.28
C ALA C 117 4.28 -21.74 -27.79
N GLU C 118 3.06 -22.16 -28.09
CA GLU C 118 2.83 -23.50 -28.60
C GLU C 118 3.64 -23.73 -29.88
N ARG C 119 3.68 -22.73 -30.75
CA ARG C 119 4.44 -22.85 -31.99
C ARG C 119 5.95 -22.87 -31.79
N LEU C 120 6.45 -21.95 -30.97
CA LEU C 120 7.89 -21.88 -30.73
C LEU C 120 8.44 -23.14 -30.05
N ILE C 121 7.67 -23.68 -29.09
CA ILE C 121 8.10 -24.90 -28.44
C ILE C 121 8.24 -26.05 -29.44
N GLU C 122 7.18 -26.23 -30.25
CA GLU C 122 7.21 -27.26 -31.28
C GLU C 122 8.41 -27.05 -32.22
N GLU C 123 8.76 -25.76 -32.40
CA GLU C 123 9.89 -25.41 -33.26
C GLU C 123 11.20 -25.46 -32.48
N ASP C 124 11.16 -26.18 -31.33
CA ASP C 124 12.36 -26.35 -30.52
C ASP C 124 12.93 -25.00 -30.03
N PHE C 125 12.12 -24.31 -29.21
CA PHE C 125 12.48 -23.03 -28.63
C PHE C 125 12.42 -23.08 -27.11
N LEU C 126 13.37 -22.43 -26.41
CA LEU C 126 13.16 -22.23 -24.98
C LEU C 126 12.36 -20.96 -24.73
N VAL C 127 11.03 -21.14 -24.61
CA VAL C 127 10.17 -19.98 -24.50
C VAL C 127 10.12 -19.40 -23.09
N LEU C 128 10.63 -18.15 -22.97
CA LEU C 128 10.37 -17.38 -21.76
C LEU C 128 9.26 -16.37 -22.01
N PRO C 129 8.01 -16.69 -21.62
CA PRO C 129 6.84 -15.82 -21.85
C PRO C 129 6.61 -14.59 -20.98
N TYR C 130 6.67 -13.41 -21.60
CA TYR C 130 6.37 -12.17 -20.88
C TYR C 130 4.86 -12.26 -20.73
N MET C 131 4.33 -11.90 -19.58
CA MET C 131 2.89 -12.00 -19.40
C MET C 131 2.38 -11.16 -18.26
N GLY C 132 1.07 -11.11 -18.12
CA GLY C 132 0.47 -10.37 -17.03
C GLY C 132 0.44 -11.31 -15.83
N PRO C 133 0.03 -10.82 -14.66
CA PRO C 133 -0.08 -11.57 -13.41
C PRO C 133 -1.14 -12.67 -13.45
N ASP C 134 -1.29 -13.32 -14.60
CA ASP C 134 -2.30 -14.35 -14.76
C ASP C 134 -1.79 -15.72 -14.36
N LEU C 135 -2.23 -16.21 -13.21
CA LEU C 135 -1.80 -17.52 -12.71
C LEU C 135 -2.31 -18.64 -13.61
N VAL C 136 -3.60 -18.63 -13.87
CA VAL C 136 -4.25 -19.63 -14.71
C VAL C 136 -3.55 -19.74 -16.05
N LEU C 137 -3.07 -18.63 -16.57
CA LEU C 137 -2.39 -18.61 -17.85
C LEU C 137 -0.99 -19.18 -17.64
N ALA C 138 -0.44 -18.91 -16.46
CA ALA C 138 0.89 -19.43 -16.14
C ALA C 138 0.96 -20.95 -16.24
N LYS C 139 -0.04 -21.60 -15.62
CA LYS C 139 -0.07 -23.06 -15.62
C LYS C 139 -0.32 -23.62 -17.03
N ARG C 140 -1.02 -22.82 -17.84
CA ARG C 140 -1.22 -23.19 -19.24
C ARG C 140 0.12 -23.26 -19.99
N LEU C 141 0.77 -22.09 -20.05
CA LEU C 141 2.08 -22.01 -20.68
C LEU C 141 3.00 -23.11 -20.15
N ALA C 142 3.10 -23.16 -18.81
CA ALA C 142 3.89 -24.21 -18.20
C ALA C 142 3.51 -25.59 -18.74
N ALA C 143 2.21 -25.84 -18.91
CA ALA C 143 1.71 -27.10 -19.43
C ALA C 143 2.21 -27.36 -20.84
N LEU C 144 2.33 -26.31 -21.64
CA LEU C 144 2.83 -26.44 -23.00
C LEU C 144 4.29 -26.84 -22.95
N GLY C 145 4.91 -26.62 -21.79
CA GLY C 145 6.32 -26.95 -21.62
C GLY C 145 7.19 -25.72 -21.70
N THR C 146 6.68 -24.58 -21.25
CA THR C 146 7.44 -23.34 -21.27
C THR C 146 8.52 -23.34 -20.20
N ALA C 147 9.71 -22.85 -20.59
CA ALA C 147 10.85 -22.91 -19.67
C ALA C 147 10.70 -21.92 -18.51
N THR C 148 9.82 -20.92 -18.71
CA THR C 148 9.62 -19.94 -17.66
C THR C 148 8.24 -19.29 -17.73
N VAL C 149 7.89 -18.61 -16.62
CA VAL C 149 6.74 -17.70 -16.65
C VAL C 149 7.15 -16.35 -16.08
N MET C 150 6.89 -15.29 -16.85
CA MET C 150 7.43 -13.99 -16.44
C MET C 150 6.35 -12.92 -16.30
N PRO C 151 5.60 -12.99 -15.19
CA PRO C 151 4.59 -12.00 -14.87
C PRO C 151 5.26 -10.65 -14.62
N LEU C 152 4.61 -9.57 -15.02
CA LEU C 152 5.16 -8.24 -14.81
C LEU C 152 4.83 -7.75 -13.42
N ALA C 153 5.61 -6.82 -12.90
CA ALA C 153 5.30 -6.31 -11.57
C ALA C 153 4.36 -5.10 -11.65
N ALA C 154 4.58 -4.35 -12.75
CA ALA C 154 3.72 -3.24 -13.13
C ALA C 154 3.96 -2.96 -14.61
N PRO C 155 3.20 -2.02 -15.21
CA PRO C 155 3.46 -1.66 -16.59
C PRO C 155 4.94 -1.34 -16.82
N ILE C 156 5.47 -1.90 -17.93
CA ILE C 156 6.90 -1.74 -18.24
C ILE C 156 7.36 -0.28 -18.20
N GLY C 157 8.53 -0.05 -17.59
CA GLY C 157 9.13 1.28 -17.66
C GLY C 157 8.42 2.29 -16.76
N SER C 158 7.43 1.80 -16.00
CA SER C 158 6.69 2.69 -15.11
C SER C 158 7.47 2.99 -13.83
N GLY C 159 8.02 1.91 -13.23
CA GLY C 159 8.91 2.09 -12.08
C GLY C 159 8.15 2.18 -10.76
N TRP C 160 6.89 1.69 -10.78
CA TRP C 160 6.04 1.69 -9.60
C TRP C 160 6.55 0.73 -8.52
N GLY C 161 7.03 -0.43 -9.02
CA GLY C 161 7.42 -1.49 -8.11
C GLY C 161 6.48 -2.69 -8.22
N VAL C 162 6.33 -3.41 -7.09
CA VAL C 162 5.47 -4.59 -7.10
C VAL C 162 4.00 -4.23 -6.87
N ARG C 163 3.38 -3.69 -7.91
CA ARG C 163 1.97 -3.34 -7.79
C ARG C 163 1.10 -4.59 -7.99
N THR C 164 1.74 -5.64 -8.53
CA THR C 164 1.03 -6.90 -8.77
C THR C 164 1.22 -7.89 -7.62
N ARG C 165 1.74 -7.36 -6.49
CA ARG C 165 2.07 -8.21 -5.36
C ARG C 165 1.01 -9.29 -5.07
N ALA C 166 -0.24 -8.86 -4.90
CA ALA C 166 -1.29 -9.80 -4.50
C ALA C 166 -1.42 -10.99 -5.45
N LEU C 167 -1.42 -10.69 -6.76
CA LEU C 167 -1.49 -11.78 -7.74
C LEU C 167 -0.18 -12.57 -7.81
N LEU C 168 0.95 -11.88 -7.76
CA LEU C 168 2.24 -12.57 -7.82
C LEU C 168 2.45 -13.56 -6.67
N GLU C 169 1.72 -13.39 -5.57
CA GLU C 169 1.84 -14.28 -4.43
C GLU C 169 1.23 -15.62 -4.77
N LEU C 170 0.29 -15.61 -5.71
CA LEU C 170 -0.35 -16.85 -6.13
C LEU C 170 0.66 -17.65 -6.93
N PHE C 171 1.56 -16.94 -7.60
CA PHE C 171 2.62 -17.59 -8.38
C PHE C 171 3.55 -18.23 -7.35
N ALA C 172 3.89 -17.46 -6.32
CA ALA C 172 4.76 -17.91 -5.25
C ALA C 172 4.20 -19.18 -4.58
N ARG C 173 2.90 -19.18 -4.31
CA ARG C 173 2.24 -20.31 -3.66
C ARG C 173 2.16 -21.57 -4.52
N GLU C 174 2.17 -21.40 -5.84
CA GLU C 174 2.09 -22.54 -6.76
C GLU C 174 3.42 -22.71 -7.45
N LYS C 175 4.47 -22.18 -6.82
CA LYS C 175 5.84 -22.21 -7.34
C LYS C 175 6.28 -23.62 -7.72
N ALA C 176 5.90 -24.60 -6.89
CA ALA C 176 6.44 -25.95 -7.08
C ALA C 176 5.86 -26.66 -8.30
N SER C 177 4.79 -26.06 -8.86
CA SER C 177 4.14 -26.67 -10.01
C SER C 177 4.30 -25.82 -11.28
N LEU C 178 5.17 -24.78 -11.17
CA LEU C 178 5.47 -23.94 -12.33
C LEU C 178 6.97 -23.95 -12.68
N PRO C 179 7.34 -23.54 -13.91
CA PRO C 179 8.76 -23.43 -14.23
C PRO C 179 9.25 -22.21 -13.43
N PRO C 180 10.53 -21.84 -13.56
CA PRO C 180 10.98 -20.68 -12.80
C PRO C 180 10.17 -19.42 -13.07
N VAL C 181 9.77 -18.75 -12.00
CA VAL C 181 9.05 -17.49 -12.11
C VAL C 181 9.98 -16.29 -12.12
N VAL C 182 9.97 -15.57 -13.25
CA VAL C 182 10.83 -14.41 -13.37
C VAL C 182 10.02 -13.14 -13.53
N VAL C 183 10.05 -12.32 -12.47
CA VAL C 183 9.38 -11.03 -12.54
C VAL C 183 10.19 -10.08 -13.40
N ASP C 184 9.54 -9.60 -14.47
CA ASP C 184 10.11 -8.49 -15.22
C ASP C 184 9.12 -7.35 -15.37
N ALA C 185 9.66 -6.15 -15.57
CA ALA C 185 8.83 -5.02 -15.97
C ALA C 185 7.99 -4.45 -14.81
N GLY C 186 8.50 -3.35 -14.22
CA GLY C 186 7.73 -2.66 -13.19
C GLY C 186 8.62 -2.16 -12.03
N LEU C 187 9.79 -2.81 -11.92
CA LEU C 187 10.69 -2.48 -10.81
C LEU C 187 11.52 -1.22 -11.08
N GLY C 188 11.48 -0.34 -10.05
CA GLY C 188 12.17 0.95 -10.18
C GLY C 188 13.21 1.18 -9.08
N LEU C 189 13.22 0.32 -8.07
CA LEU C 189 14.15 0.41 -6.96
C LEU C 189 14.55 -0.99 -6.55
N PRO C 190 15.78 -1.15 -6.05
CA PRO C 190 16.24 -2.48 -5.63
C PRO C 190 15.38 -3.12 -4.54
N SER C 191 14.81 -2.32 -3.66
CA SER C 191 13.98 -2.90 -2.61
C SER C 191 12.85 -3.70 -3.25
N HIS C 192 12.46 -3.30 -4.47
CA HIS C 192 11.39 -3.98 -5.22
C HIS C 192 11.86 -5.37 -5.58
N ALA C 193 13.03 -5.44 -6.20
CA ALA C 193 13.63 -6.71 -6.60
C ALA C 193 13.71 -7.61 -5.37
N ALA C 194 14.29 -7.08 -4.30
CA ALA C 194 14.42 -7.81 -3.05
C ALA C 194 13.07 -8.36 -2.58
N GLU C 195 12.01 -7.54 -2.64
CA GLU C 195 10.69 -7.97 -2.20
C GLU C 195 10.21 -9.23 -2.92
N VAL C 196 10.40 -9.25 -4.23
CA VAL C 196 9.99 -10.39 -5.03
C VAL C 196 10.74 -11.66 -4.60
N MET C 197 12.06 -11.57 -4.55
CA MET C 197 12.90 -12.70 -4.14
C MET C 197 12.46 -13.29 -2.79
N GLU C 198 12.02 -12.42 -1.88
CA GLU C 198 11.56 -12.82 -0.56
C GLU C 198 10.32 -13.70 -0.62
N LEU C 199 9.54 -13.57 -1.69
CA LEU C 199 8.37 -14.41 -1.89
C LEU C 199 8.74 -15.82 -2.29
N GLY C 200 10.00 -15.97 -2.75
CA GLY C 200 10.47 -17.25 -3.20
C GLY C 200 10.50 -17.36 -4.73
N LEU C 201 10.34 -16.19 -5.37
CA LEU C 201 10.35 -16.17 -6.82
C LEU C 201 11.78 -16.38 -7.32
N ASP C 202 11.87 -16.95 -8.54
CA ASP C 202 13.16 -17.44 -9.01
C ASP C 202 14.11 -16.33 -9.46
N ALA C 203 13.54 -15.26 -10.05
CA ALA C 203 14.42 -14.22 -10.56
C ALA C 203 13.69 -12.91 -10.85
N VAL C 204 14.48 -11.96 -11.38
CA VAL C 204 13.95 -10.65 -11.74
C VAL C 204 14.65 -10.10 -12.98
N LEU C 205 13.87 -9.41 -13.82
CA LEU C 205 14.43 -8.78 -15.02
C LEU C 205 14.32 -7.26 -14.94
N VAL C 206 15.47 -6.60 -14.71
CA VAL C 206 15.47 -5.15 -14.61
C VAL C 206 16.05 -4.49 -15.86
N ASN C 207 15.50 -3.34 -16.25
CA ASN C 207 15.96 -2.62 -17.44
C ASN C 207 15.98 -1.11 -17.25
N THR C 208 14.80 -0.50 -17.14
CA THR C 208 14.66 0.94 -16.99
C THR C 208 15.25 1.50 -15.70
N ALA C 209 14.89 0.90 -14.56
CA ALA C 209 15.35 1.35 -13.26
C ALA C 209 16.87 1.54 -13.16
N ILE C 210 17.63 0.73 -13.90
CA ILE C 210 19.08 0.81 -13.89
C ILE C 210 19.64 1.77 -14.92
N ALA C 211 19.16 1.66 -16.15
CA ALA C 211 19.63 2.51 -17.24
C ALA C 211 19.14 3.95 -17.14
N GLU C 212 18.12 4.19 -16.33
CA GLU C 212 17.57 5.54 -16.17
C GLU C 212 18.12 6.25 -14.94
N ALA C 213 19.06 5.61 -14.25
CA ALA C 213 19.66 6.20 -13.04
C ALA C 213 20.82 7.13 -13.38
N GLN C 214 21.09 8.07 -12.48
CA GLN C 214 22.17 9.04 -12.61
C GLN C 214 23.48 8.28 -12.81
N ASP C 215 23.65 7.24 -12.01
CA ASP C 215 24.84 6.39 -12.05
C ASP C 215 24.37 4.95 -12.25
N PRO C 216 24.09 4.56 -13.50
CA PRO C 216 23.63 3.21 -13.82
C PRO C 216 24.49 2.09 -13.23
N PRO C 217 25.82 2.16 -13.40
CA PRO C 217 26.70 1.12 -12.86
C PRO C 217 26.47 0.89 -11.37
N ALA C 218 26.33 1.97 -10.62
CA ALA C 218 26.08 1.88 -9.18
C ALA C 218 24.68 1.29 -8.88
N MET C 219 23.70 1.58 -9.75
CA MET C 219 22.36 1.08 -9.56
C MET C 219 22.32 -0.42 -9.85
N ALA C 220 23.21 -0.85 -10.73
CA ALA C 220 23.31 -2.27 -11.10
C ALA C 220 23.87 -3.02 -9.90
N GLU C 221 24.71 -2.33 -9.13
CA GLU C 221 25.32 -2.91 -7.95
C GLU C 221 24.26 -3.00 -6.87
N ALA C 222 23.60 -1.88 -6.62
CA ALA C 222 22.55 -1.85 -5.61
C ALA C 222 21.56 -2.99 -5.91
N PHE C 223 21.20 -3.15 -7.18
CA PHE C 223 20.26 -4.19 -7.60
C PHE C 223 20.79 -5.60 -7.41
N ARG C 224 22.08 -5.77 -7.68
CA ARG C 224 22.73 -7.06 -7.53
C ARG C 224 22.62 -7.45 -6.06
N LEU C 225 23.01 -6.52 -5.20
CA LEU C 225 22.97 -6.74 -3.76
C LEU C 225 21.53 -6.98 -3.29
N ALA C 226 20.59 -6.25 -3.91
CA ALA C 226 19.18 -6.38 -3.55
C ALA C 226 18.68 -7.80 -3.75
N VAL C 227 18.86 -8.31 -4.98
CA VAL C 227 18.44 -9.64 -5.31
C VAL C 227 19.13 -10.67 -4.42
N GLU C 228 20.44 -10.50 -4.25
CA GLU C 228 21.21 -11.41 -3.39
C GLU C 228 20.59 -11.44 -2.01
N ALA C 229 20.43 -10.24 -1.44
CA ALA C 229 19.84 -10.10 -0.12
C ALA C 229 18.46 -10.75 -0.05
N GLY C 230 17.61 -10.45 -1.03
CA GLY C 230 16.26 -10.98 -1.07
C GLY C 230 16.14 -12.49 -1.05
N ARG C 231 16.97 -13.15 -1.85
CA ARG C 231 16.97 -14.59 -1.96
C ARG C 231 17.42 -15.23 -0.66
N LYS C 232 18.49 -14.67 -0.07
CA LYS C 232 19.02 -15.19 1.18
C LYS C 232 17.99 -15.05 2.28
N ALA C 233 17.28 -13.93 2.29
CA ALA C 233 16.24 -13.73 3.28
C ALA C 233 15.25 -14.87 3.15
N TYR C 234 14.89 -15.20 1.91
CA TYR C 234 13.96 -16.29 1.65
C TYR C 234 14.44 -17.63 2.21
N LEU C 235 15.65 -18.02 1.85
CA LEU C 235 16.21 -19.28 2.32
C LEU C 235 16.44 -19.32 3.83
N ALA C 236 16.77 -18.17 4.42
CA ALA C 236 17.02 -18.07 5.86
C ALA C 236 15.81 -18.35 6.74
N GLY C 237 14.61 -18.04 6.26
CA GLY C 237 13.41 -18.27 7.05
C GLY C 237 12.94 -17.02 7.78
N PRO C 238 12.24 -16.11 7.09
CA PRO C 238 11.75 -14.86 7.69
C PRO C 238 10.90 -15.06 8.95
N MET C 239 10.96 -14.09 9.85
CA MET C 239 10.18 -14.14 11.09
C MET C 239 8.72 -13.92 10.75
N ARG C 240 7.83 -14.71 11.34
CA ARG C 240 6.40 -14.58 11.14
C ARG C 240 5.89 -13.30 11.78
N PRO C 241 5.45 -12.30 10.99
CA PRO C 241 4.96 -11.07 11.62
C PRO C 241 3.62 -11.24 12.31
N MET D 1 35.65 7.35 2.43
CA MET D 1 34.58 6.50 1.91
C MET D 1 33.20 7.08 2.23
N ASP D 2 32.23 6.16 2.42
CA ASP D 2 30.87 6.60 2.74
C ASP D 2 30.49 6.26 4.17
N THR D 3 31.15 6.99 5.10
CA THR D 3 30.86 6.78 6.52
C THR D 3 29.95 7.88 7.08
N TRP D 4 29.28 7.55 8.22
CA TRP D 4 28.55 8.58 8.96
C TRP D 4 29.01 8.68 10.41
N LYS D 5 28.53 9.73 11.11
CA LYS D 5 29.05 9.99 12.45
C LYS D 5 27.93 10.19 13.49
N VAL D 6 28.05 9.45 14.58
CA VAL D 6 27.17 9.64 15.72
C VAL D 6 28.04 10.33 16.75
N GLY D 7 27.98 11.66 16.76
CA GLY D 7 28.78 12.42 17.69
C GLY D 7 30.21 12.41 17.16
N PRO D 8 31.18 12.04 18.01
CA PRO D 8 32.59 11.98 17.61
C PRO D 8 32.96 10.61 17.03
N VAL D 9 31.98 9.72 16.97
CA VAL D 9 32.21 8.37 16.45
C VAL D 9 31.91 8.29 14.96
N GLU D 10 32.84 7.69 14.22
CA GLU D 10 32.65 7.50 12.77
C GLU D 10 32.36 6.04 12.43
N LEU D 11 31.20 5.80 11.79
CA LEU D 11 30.74 4.42 11.58
C LEU D 11 30.61 4.05 10.09
N LYS D 12 31.31 2.97 9.71
CA LYS D 12 31.16 2.44 8.36
C LYS D 12 29.78 1.84 8.12
N SER D 13 29.52 0.71 8.81
CA SER D 13 28.26 -0.01 8.61
C SER D 13 27.04 0.84 9.00
N ARG D 14 26.03 0.82 8.15
CA ARG D 14 24.80 1.55 8.40
C ARG D 14 23.73 0.60 8.93
N LEU D 15 24.16 -0.57 9.39
CA LEU D 15 23.27 -1.58 9.95
C LEU D 15 23.61 -1.82 11.43
N ILE D 16 22.73 -1.44 12.34
CA ILE D 16 22.97 -1.68 13.75
C ILE D 16 22.10 -2.81 14.27
N LEU D 17 22.71 -3.65 15.10
CA LEU D 17 22.01 -4.88 15.45
C LEU D 17 21.43 -4.85 16.86
N GLY D 18 20.29 -5.55 17.03
CA GLY D 18 19.77 -5.80 18.38
C GLY D 18 20.25 -7.15 18.92
N SER D 19 20.28 -7.27 20.26
CA SER D 19 20.89 -8.48 20.84
C SER D 19 19.90 -9.52 21.39
N GLY D 20 18.68 -9.05 21.76
CA GLY D 20 17.72 -9.95 22.40
C GLY D 20 17.08 -10.96 21.43
N LYS D 21 16.44 -12.00 22.02
CA LYS D 21 15.73 -13.02 21.22
C LYS D 21 16.68 -14.01 20.54
N TYR D 22 17.95 -14.03 21.03
CA TYR D 22 18.91 -14.98 20.48
C TYR D 22 18.98 -16.27 21.33
N GLU D 23 18.85 -17.42 20.62
CA GLU D 23 18.81 -18.71 21.31
C GLU D 23 20.05 -18.94 22.20
N ASP D 24 21.22 -18.72 21.55
CA ASP D 24 22.49 -18.88 22.25
C ASP D 24 23.55 -17.97 21.63
N PHE D 25 24.42 -17.42 22.51
CA PHE D 25 25.38 -16.42 22.08
C PHE D 25 26.32 -16.90 20.95
N GLY D 26 26.27 -18.23 20.66
CA GLY D 26 27.07 -18.68 19.53
C GLY D 26 26.50 -18.17 18.20
N VAL D 27 25.21 -18.49 18.00
CA VAL D 27 24.53 -18.00 16.81
C VAL D 27 24.57 -16.47 16.76
N MET D 28 24.43 -15.84 17.94
CA MET D 28 24.50 -14.38 17.99
C MET D 28 25.84 -13.88 17.47
N ARG D 29 26.89 -14.65 17.76
CA ARG D 29 28.22 -14.30 17.27
C ARG D 29 28.26 -14.28 15.74
N GLU D 30 27.74 -15.37 15.16
CA GLU D 30 27.75 -15.51 13.70
C GLU D 30 26.99 -14.36 13.03
N ALA D 31 25.88 -13.96 13.67
CA ALA D 31 25.09 -12.88 13.11
C ALA D 31 25.87 -11.57 13.07
N ILE D 32 26.35 -11.16 14.26
CA ILE D 32 27.09 -9.91 14.36
C ILE D 32 28.15 -9.77 13.26
N ALA D 33 28.84 -10.91 12.98
CA ALA D 33 29.88 -10.87 11.97
C ALA D 33 29.31 -10.92 10.54
N ALA D 34 28.26 -11.76 10.36
CA ALA D 34 27.67 -11.82 9.02
C ALA D 34 27.17 -10.43 8.59
N ALA D 35 26.73 -9.66 9.61
CA ALA D 35 26.16 -8.34 9.33
C ALA D 35 27.23 -7.24 9.20
N LYS D 36 28.51 -7.62 9.50
CA LYS D 36 29.59 -6.63 9.51
C LYS D 36 29.22 -5.44 10.39
N ALA D 37 28.40 -5.76 11.41
CA ALA D 37 27.94 -4.75 12.34
C ALA D 37 29.11 -4.16 13.13
N GLU D 38 28.93 -2.88 13.53
CA GLU D 38 29.96 -2.22 14.33
C GLU D 38 29.45 -1.96 15.75
N VAL D 39 28.11 -1.88 15.87
CA VAL D 39 27.49 -1.63 17.19
C VAL D 39 26.30 -2.55 17.43
N VAL D 40 26.33 -3.22 18.60
CA VAL D 40 25.18 -4.04 19.02
C VAL D 40 24.55 -3.44 20.27
N THR D 41 23.21 -3.43 20.30
CA THR D 41 22.55 -2.79 21.44
C THR D 41 22.36 -3.75 22.63
N VAL D 42 22.51 -3.17 23.85
CA VAL D 42 22.42 -3.97 25.07
C VAL D 42 21.48 -3.33 26.12
N SER D 43 20.83 -4.21 26.92
CA SER D 43 19.92 -3.72 27.96
C SER D 43 20.52 -3.94 29.36
N VAL D 44 20.09 -3.06 30.30
CA VAL D 44 20.44 -3.21 31.71
C VAL D 44 19.27 -3.79 32.50
N ARG D 45 19.50 -5.00 33.06
CA ARG D 45 18.42 -5.68 33.76
C ARG D 45 18.87 -6.25 35.11
N ARG D 46 17.87 -6.54 35.96
CA ARG D 46 18.18 -7.16 37.24
C ARG D 46 18.89 -8.51 37.04
N VAL D 47 20.02 -8.68 37.76
CA VAL D 47 20.75 -9.93 37.64
C VAL D 47 19.84 -11.13 37.90
N GLU D 48 20.13 -12.23 37.17
CA GLU D 48 19.32 -13.44 37.30
C GLU D 48 19.22 -13.91 38.75
N GLY D 56 28.45 -14.30 29.88
CA GLY D 56 28.22 -15.02 28.63
C GLY D 56 28.02 -14.07 27.45
N LEU D 57 27.17 -13.05 27.69
CA LEU D 57 26.90 -12.08 26.63
C LEU D 57 28.16 -11.30 26.25
N LEU D 58 28.70 -10.55 27.23
CA LEU D 58 29.91 -9.76 26.96
C LEU D 58 30.94 -10.59 26.19
N GLU D 59 30.92 -11.90 26.43
CA GLU D 59 31.94 -12.77 25.83
C GLU D 59 31.91 -12.73 24.30
N ALA D 60 30.68 -12.80 23.73
CA ALA D 60 30.56 -12.84 22.27
C ALA D 60 30.27 -11.46 21.66
N LEU D 61 30.36 -10.42 22.52
CA LEU D 61 30.09 -9.08 22.01
C LEU D 61 31.38 -8.30 21.76
N GLU D 62 32.53 -8.95 22.07
CA GLU D 62 33.78 -8.32 21.69
C GLU D 62 33.81 -8.20 20.20
N GLY D 63 34.65 -7.30 19.67
CA GLY D 63 34.64 -7.13 18.23
C GLY D 63 33.71 -5.97 17.84
N VAL D 64 32.74 -5.68 18.74
CA VAL D 64 31.85 -4.55 18.52
C VAL D 64 31.66 -3.73 19.80
N ARG D 65 31.39 -2.43 19.59
CA ARG D 65 31.11 -1.55 20.73
C ARG D 65 29.67 -1.71 21.18
N LEU D 66 29.45 -1.64 22.51
CA LEU D 66 28.11 -1.83 23.04
C LEU D 66 27.35 -0.51 23.23
N LEU D 67 26.10 -0.52 22.78
CA LEU D 67 25.21 0.62 22.95
C LEU D 67 24.12 0.26 23.95
N PRO D 68 24.22 0.79 25.14
CA PRO D 68 23.24 0.50 26.17
C PRO D 68 21.91 1.24 25.93
N ASN D 69 20.80 0.53 26.22
CA ASN D 69 19.48 1.13 26.11
C ASN D 69 18.75 1.10 27.45
N THR D 70 17.78 2.03 27.58
CA THR D 70 16.96 2.04 28.78
C THR D 70 15.68 1.24 28.52
N ALA D 71 15.88 0.05 27.93
CA ALA D 71 14.76 -0.85 27.71
C ALA D 71 14.16 -1.30 29.04
N GLY D 72 12.98 -0.76 29.35
CA GLY D 72 12.40 -1.02 30.66
C GLY D 72 11.93 0.28 31.33
N ALA D 73 12.47 1.43 30.86
CA ALA D 73 12.09 2.69 31.47
C ALA D 73 10.68 3.08 31.03
N ARG D 74 9.86 3.48 32.02
CA ARG D 74 8.51 3.96 31.70
C ARG D 74 8.36 5.46 31.95
N THR D 75 9.43 6.06 32.50
CA THR D 75 9.43 7.52 32.73
C THR D 75 10.82 8.08 32.54
N ALA D 76 10.89 9.42 32.40
CA ALA D 76 12.20 10.06 32.23
C ALA D 76 13.11 9.73 33.41
N GLU D 77 12.51 9.77 34.61
CA GLU D 77 13.21 9.47 35.86
C GLU D 77 13.94 8.12 35.78
N GLU D 78 13.17 7.08 35.38
CA GLU D 78 13.72 5.72 35.33
C GLU D 78 14.73 5.55 34.18
N ALA D 79 14.43 6.21 33.04
CA ALA D 79 15.37 6.08 31.93
C ALA D 79 16.75 6.61 32.29
N VAL D 80 16.75 7.84 32.84
CA VAL D 80 18.02 8.42 33.26
C VAL D 80 18.77 7.50 34.24
N ARG D 81 18.01 6.95 35.20
CA ARG D 81 18.60 5.97 36.11
C ARG D 81 19.32 4.85 35.35
N LEU D 82 18.57 4.28 34.38
CA LEU D 82 19.12 3.18 33.61
C LEU D 82 20.32 3.60 32.76
N ALA D 83 20.21 4.80 32.13
CA ALA D 83 21.33 5.28 31.35
C ALA D 83 22.62 5.31 32.17
N ARG D 84 22.48 5.83 33.41
CA ARG D 84 23.63 5.90 34.29
C ARG D 84 24.23 4.51 34.54
N LEU D 85 23.36 3.59 35.01
CA LEU D 85 23.77 2.21 35.22
C LEU D 85 24.49 1.65 33.99
N GLY D 86 24.02 2.11 32.82
CA GLY D 86 24.59 1.60 31.57
C GLY D 86 26.01 2.12 31.32
N ARG D 87 26.23 3.40 31.67
CA ARG D 87 27.49 4.03 31.32
C ARG D 87 28.67 3.42 32.10
N LEU D 88 28.47 3.22 33.41
CA LEU D 88 29.57 2.69 34.21
C LEU D 88 29.65 1.16 34.12
N LEU D 89 28.58 0.57 33.54
CA LEU D 89 28.68 -0.85 33.28
C LEU D 89 29.31 -1.11 31.91
N THR D 90 29.19 -0.11 31.02
CA THR D 90 29.60 -0.29 29.64
C THR D 90 30.82 0.57 29.27
N GLY D 91 31.00 1.68 30.02
CA GLY D 91 32.16 2.54 29.75
C GLY D 91 31.91 3.51 28.59
N GLU D 92 30.79 3.27 27.88
CA GLU D 92 30.48 4.09 26.72
C GLU D 92 29.65 5.32 27.09
N ARG D 93 29.84 6.37 26.28
CA ARG D 93 29.21 7.67 26.53
C ARG D 93 27.78 7.72 25.94
N TRP D 94 27.58 6.93 24.88
CA TRP D 94 26.30 6.99 24.17
C TRP D 94 25.27 6.01 24.73
N VAL D 95 23.98 6.40 24.59
CA VAL D 95 22.89 5.55 25.09
C VAL D 95 21.63 5.65 24.19
N LYS D 96 20.94 4.50 24.07
CA LYS D 96 19.66 4.53 23.37
C LYS D 96 18.50 4.89 24.30
N LEU D 97 18.03 6.14 24.18
CA LEU D 97 16.99 6.59 25.10
C LEU D 97 15.61 6.07 24.72
N GLU D 98 15.08 5.17 25.58
CA GLU D 98 13.85 4.48 25.26
C GLU D 98 12.84 4.56 26.41
N VAL D 99 11.93 5.55 26.33
CA VAL D 99 10.92 5.69 27.38
C VAL D 99 9.55 5.20 26.93
N ILE D 100 9.19 3.98 27.34
CA ILE D 100 7.92 3.41 26.92
C ILE D 100 6.98 3.10 28.11
N PRO D 101 5.98 3.97 28.21
CA PRO D 101 5.02 3.92 29.34
C PRO D 101 4.18 2.62 29.35
N ASP D 102 3.51 2.30 28.20
CA ASP D 102 2.73 1.06 28.11
C ASP D 102 3.29 0.11 27.04
N PRO D 103 3.76 -1.02 27.59
CA PRO D 103 4.44 -2.07 26.79
C PRO D 103 3.55 -2.81 25.78
N THR D 104 2.23 -2.49 25.78
CA THR D 104 1.36 -3.18 24.83
C THR D 104 1.82 -2.93 23.39
N TYR D 105 2.21 -1.67 23.12
CA TYR D 105 2.64 -1.31 21.77
C TYR D 105 4.12 -0.86 21.74
N LEU D 106 4.69 -0.68 22.95
CA LEU D 106 6.08 -0.22 23.09
C LEU D 106 6.31 1.12 22.38
N LEU D 107 5.25 1.96 22.35
CA LEU D 107 5.42 3.31 21.80
C LEU D 107 5.94 4.22 22.90
N PRO D 108 6.92 5.02 22.54
CA PRO D 108 7.60 5.87 23.51
C PRO D 108 6.78 7.13 23.85
N ASP D 109 7.00 7.65 25.08
CA ASP D 109 6.34 8.92 25.48
C ASP D 109 7.16 10.12 25.01
N PRO D 110 6.44 10.96 24.27
CA PRO D 110 7.02 12.18 23.67
C PRO D 110 7.62 13.19 24.68
N LEU D 111 6.86 13.49 25.76
CA LEU D 111 7.35 14.48 26.73
C LEU D 111 8.48 13.93 27.60
N GLU D 112 8.32 12.64 28.01
CA GLU D 112 9.33 12.03 28.88
C GLU D 112 10.64 11.76 28.13
N THR D 113 10.53 11.60 26.79
CA THR D 113 11.74 11.35 26.01
C THR D 113 12.53 12.66 25.85
N LEU D 114 11.77 13.74 25.65
CA LEU D 114 12.33 15.07 25.51
C LEU D 114 13.06 15.47 26.81
N LYS D 115 12.36 15.28 27.95
CA LYS D 115 12.92 15.67 29.24
C LYS D 115 14.18 14.88 29.59
N ALA D 116 14.10 13.55 29.39
CA ALA D 116 15.26 12.72 29.70
C ALA D 116 16.45 13.03 28.80
N ALA D 117 16.14 13.27 27.52
CA ALA D 117 17.19 13.65 26.58
C ALA D 117 17.95 14.88 27.07
N GLU D 118 17.19 15.95 27.37
CA GLU D 118 17.82 17.17 27.85
C GLU D 118 18.70 16.91 29.08
N ARG D 119 18.13 16.15 30.03
CA ARG D 119 18.85 15.86 31.26
C ARG D 119 20.12 15.05 30.97
N LEU D 120 19.93 13.93 30.21
CA LEU D 120 21.05 13.08 29.85
C LEU D 120 22.12 13.83 29.07
N ILE D 121 21.68 14.85 28.31
CA ILE D 121 22.62 15.58 27.47
C ILE D 121 23.59 16.41 28.31
N GLU D 122 23.01 17.24 29.20
CA GLU D 122 23.88 18.04 30.07
C GLU D 122 24.67 17.16 31.05
N GLU D 123 24.13 15.96 31.28
CA GLU D 123 24.79 15.01 32.16
C GLU D 123 25.91 14.27 31.42
N ASP D 124 26.15 14.78 30.17
CA ASP D 124 27.27 14.31 29.34
C ASP D 124 27.04 12.96 28.65
N PHE D 125 25.83 12.78 28.10
CA PHE D 125 25.53 11.56 27.34
C PHE D 125 25.42 11.84 25.83
N LEU D 126 25.87 10.86 25.01
CA LEU D 126 25.50 10.94 23.59
C LEU D 126 24.14 10.27 23.38
N VAL D 127 23.09 11.10 23.32
CA VAL D 127 21.75 10.52 23.31
C VAL D 127 21.28 10.15 21.89
N LEU D 128 20.93 8.85 21.75
CA LEU D 128 20.20 8.42 20.56
C LEU D 128 18.73 8.05 20.92
N PRO D 129 17.87 9.04 20.69
CA PRO D 129 16.44 8.90 21.09
C PRO D 129 15.57 7.99 20.20
N TYR D 130 14.91 7.02 20.87
CA TYR D 130 13.89 6.18 20.23
C TYR D 130 12.57 6.95 20.22
N MET D 131 12.00 7.13 19.02
CA MET D 131 10.82 7.98 18.96
C MET D 131 9.80 7.53 17.92
N GLY D 132 8.58 8.08 18.07
CA GLY D 132 7.56 7.89 17.04
C GLY D 132 7.96 8.76 15.86
N PRO D 133 7.32 8.49 14.73
CA PRO D 133 7.62 9.24 13.50
C PRO D 133 7.26 10.73 13.53
N ASP D 134 7.59 11.38 14.66
CA ASP D 134 7.19 12.77 14.86
C ASP D 134 8.28 13.79 14.44
N LEU D 135 8.14 14.32 13.19
CA LEU D 135 9.11 15.29 12.66
C LEU D 135 9.34 16.46 13.62
N VAL D 136 8.22 17.02 14.14
CA VAL D 136 8.36 18.17 15.02
C VAL D 136 9.15 17.82 16.28
N LEU D 137 8.92 16.60 16.80
CA LEU D 137 9.63 16.18 17.99
C LEU D 137 11.12 15.97 17.67
N ALA D 138 11.37 15.44 16.47
CA ALA D 138 12.74 15.18 16.07
C ALA D 138 13.55 16.47 15.92
N LYS D 139 12.84 17.58 15.59
CA LYS D 139 13.53 18.86 15.45
C LYS D 139 13.92 19.43 16.82
N ARG D 140 13.04 19.23 17.81
CA ARG D 140 13.40 19.68 19.15
C ARG D 140 14.58 18.87 19.70
N LEU D 141 14.41 17.53 19.65
CA LEU D 141 15.49 16.64 20.05
C LEU D 141 16.82 17.06 19.43
N ALA D 142 16.77 17.32 18.10
CA ALA D 142 17.98 17.75 17.42
C ALA D 142 18.51 19.06 18.00
N ALA D 143 17.56 19.94 18.38
CA ALA D 143 17.95 21.23 18.93
C ALA D 143 18.57 21.10 20.32
N LEU D 144 18.10 20.07 21.06
CA LEU D 144 18.62 19.80 22.40
C LEU D 144 20.07 19.32 22.34
N GLY D 145 20.38 18.59 21.25
CA GLY D 145 21.72 18.05 21.10
C GLY D 145 21.72 16.52 21.17
N THR D 146 20.85 15.91 20.34
CA THR D 146 20.89 14.46 20.21
C THR D 146 21.76 14.05 19.03
N ALA D 147 22.67 13.10 19.29
CA ALA D 147 23.58 12.66 18.24
C ALA D 147 22.82 11.92 17.14
N THR D 148 21.58 11.51 17.48
CA THR D 148 20.79 10.75 16.52
C THR D 148 19.29 11.01 16.68
N VAL D 149 18.54 10.68 15.64
CA VAL D 149 17.09 10.73 15.75
C VAL D 149 16.60 9.38 15.20
N MET D 150 15.83 8.61 16.03
CA MET D 150 15.51 7.23 15.59
C MET D 150 14.00 6.90 15.62
N PRO D 151 13.28 7.28 14.57
CA PRO D 151 11.86 6.95 14.47
C PRO D 151 11.66 5.47 14.14
N LEU D 152 10.55 4.89 14.69
CA LEU D 152 10.28 3.50 14.34
C LEU D 152 9.56 3.37 13.00
N ALA D 153 9.79 2.22 12.34
CA ALA D 153 8.97 1.91 11.18
C ALA D 153 7.57 1.35 11.55
N ALA D 154 7.48 0.68 12.72
CA ALA D 154 6.21 0.13 13.18
C ALA D 154 6.34 -0.36 14.63
N PRO D 155 5.32 -0.87 15.29
CA PRO D 155 5.54 -1.36 16.65
C PRO D 155 6.67 -2.42 16.75
N ILE D 156 7.54 -2.29 17.80
CA ILE D 156 8.64 -3.25 17.96
C ILE D 156 8.21 -4.71 17.86
N GLY D 157 9.06 -5.54 17.21
CA GLY D 157 8.78 -6.96 17.12
C GLY D 157 7.70 -7.33 16.11
N SER D 158 6.88 -6.30 15.77
CA SER D 158 5.77 -6.55 14.86
C SER D 158 6.29 -7.24 13.60
N GLY D 159 7.26 -6.58 12.95
CA GLY D 159 7.84 -7.16 11.75
C GLY D 159 6.97 -6.90 10.51
N TRP D 160 6.17 -5.82 10.58
CA TRP D 160 5.29 -5.49 9.48
C TRP D 160 6.05 -4.79 8.34
N GLY D 161 7.10 -4.05 8.73
CA GLY D 161 7.86 -3.30 7.75
C GLY D 161 7.74 -1.78 7.98
N VAL D 162 7.73 -1.03 6.86
CA VAL D 162 7.73 0.42 6.96
C VAL D 162 6.31 1.01 6.87
N ARG D 163 5.54 0.87 7.97
CA ARG D 163 4.18 1.39 7.97
C ARG D 163 4.13 2.90 8.26
N THR D 164 5.34 3.50 8.39
CA THR D 164 5.47 4.95 8.62
C THR D 164 6.08 5.64 7.40
N ARG D 165 5.93 4.99 6.25
CA ARG D 165 6.55 5.52 5.04
C ARG D 165 6.24 7.02 4.88
N ALA D 166 4.96 7.36 5.10
CA ALA D 166 4.53 8.73 4.83
C ALA D 166 5.23 9.73 5.77
N LEU D 167 5.27 9.40 7.06
CA LEU D 167 5.88 10.32 8.01
C LEU D 167 7.41 10.30 7.90
N LEU D 168 7.97 9.09 7.63
CA LEU D 168 9.43 8.98 7.52
C LEU D 168 9.98 9.81 6.36
N GLU D 169 9.16 9.94 5.28
CA GLU D 169 9.63 10.73 4.12
C GLU D 169 9.86 12.18 4.52
N LEU D 170 9.09 12.64 5.52
CA LEU D 170 9.28 14.02 5.95
C LEU D 170 10.68 14.17 6.57
N PHE D 171 11.08 13.13 7.34
CA PHE D 171 12.42 13.12 7.94
C PHE D 171 13.47 13.22 6.81
N ALA D 172 13.25 12.41 5.77
CA ALA D 172 14.18 12.41 4.65
C ALA D 172 14.26 13.81 4.00
N ARG D 173 13.06 14.42 3.82
CA ARG D 173 13.01 15.76 3.25
C ARG D 173 13.80 16.78 4.09
N GLU D 174 13.97 16.44 5.38
CA GLU D 174 14.65 17.38 6.29
C GLU D 174 15.98 16.82 6.80
N LYS D 175 16.51 15.83 6.06
CA LYS D 175 17.79 15.24 6.42
C LYS D 175 18.81 16.29 6.87
N ALA D 176 18.85 17.42 6.14
CA ALA D 176 19.92 18.38 6.31
C ALA D 176 19.79 19.17 7.62
N SER D 177 18.65 19.01 8.29
CA SER D 177 18.44 19.78 9.51
C SER D 177 18.26 18.90 10.75
N LEU D 178 18.53 17.58 10.57
CA LEU D 178 18.46 16.69 11.70
C LEU D 178 19.80 15.97 11.92
N PRO D 179 20.07 15.44 13.09
CA PRO D 179 21.18 14.52 13.23
C PRO D 179 20.86 13.27 12.41
N PRO D 180 21.83 12.38 12.22
CA PRO D 180 21.61 11.20 11.39
C PRO D 180 20.30 10.50 11.78
N VAL D 181 19.56 10.02 10.78
CA VAL D 181 18.30 9.35 11.09
C VAL D 181 18.44 7.83 11.06
N VAL D 182 18.06 7.19 12.18
CA VAL D 182 18.14 5.74 12.25
C VAL D 182 16.76 5.09 12.47
N VAL D 183 16.32 4.35 11.45
CA VAL D 183 15.09 3.55 11.60
C VAL D 183 15.35 2.28 12.40
N ASP D 184 14.59 2.16 13.50
CA ASP D 184 14.65 0.95 14.32
C ASP D 184 13.26 0.50 14.76
N ALA D 185 13.12 -0.83 14.93
CA ALA D 185 11.87 -1.37 15.46
C ALA D 185 10.71 -1.24 14.46
N GLY D 186 10.53 -2.32 13.69
CA GLY D 186 9.44 -2.31 12.72
C GLY D 186 9.80 -3.12 11.48
N LEU D 187 11.11 -3.10 11.18
CA LEU D 187 11.59 -3.81 10.00
C LEU D 187 11.55 -5.33 10.22
N GLY D 188 11.00 -6.03 9.21
CA GLY D 188 10.87 -7.48 9.32
C GLY D 188 11.55 -8.19 8.13
N LEU D 189 11.84 -7.41 7.08
CA LEU D 189 12.50 -7.99 5.91
C LEU D 189 13.54 -7.01 5.34
N PRO D 190 14.62 -7.58 4.83
CA PRO D 190 15.67 -6.76 4.23
C PRO D 190 15.13 -5.68 3.26
N SER D 191 14.08 -6.04 2.49
CA SER D 191 13.53 -5.04 1.55
C SER D 191 13.03 -3.80 2.29
N HIS D 192 12.58 -4.00 3.55
CA HIS D 192 12.13 -2.84 4.33
C HIS D 192 13.34 -1.93 4.58
N ALA D 193 14.43 -2.58 5.01
CA ALA D 193 15.66 -1.84 5.26
C ALA D 193 16.13 -1.16 3.98
N ALA D 194 16.03 -1.89 2.85
CA ALA D 194 16.42 -1.30 1.58
C ALA D 194 15.54 -0.09 1.24
N GLU D 195 14.24 -0.22 1.58
CA GLU D 195 13.29 0.87 1.31
C GLU D 195 13.70 2.14 2.07
N VAL D 196 13.96 1.97 3.38
CA VAL D 196 14.32 3.10 4.23
C VAL D 196 15.60 3.79 3.73
N MET D 197 16.65 2.98 3.45
CA MET D 197 17.92 3.54 2.98
C MET D 197 17.76 4.29 1.65
N GLU D 198 16.81 3.81 0.82
CA GLU D 198 16.58 4.46 -0.48
C GLU D 198 16.06 5.88 -0.29
N LEU D 199 15.46 6.13 0.91
CA LEU D 199 14.90 7.46 1.16
C LEU D 199 16.00 8.46 1.47
N GLY D 200 17.20 7.93 1.77
CA GLY D 200 18.31 8.80 2.11
C GLY D 200 18.56 8.86 3.63
N LEU D 201 17.71 8.12 4.37
CA LEU D 201 17.94 8.04 5.81
C LEU D 201 19.29 7.37 6.06
N ASP D 202 19.89 7.67 7.24
CA ASP D 202 21.29 7.30 7.49
C ASP D 202 21.52 5.80 7.85
N ALA D 203 20.68 5.24 8.74
CA ALA D 203 20.95 3.84 9.11
C ALA D 203 19.68 3.15 9.59
N VAL D 204 19.86 1.86 9.90
CA VAL D 204 18.76 1.01 10.31
C VAL D 204 19.19 0.16 11.52
N LEU D 205 18.25 -0.05 12.45
CA LEU D 205 18.55 -0.90 13.60
C LEU D 205 17.60 -2.10 13.60
N VAL D 206 18.16 -3.26 13.23
CA VAL D 206 17.36 -4.48 13.18
C VAL D 206 17.65 -5.39 14.37
N ASN D 207 16.58 -5.86 15.01
CA ASN D 207 16.76 -6.74 16.16
C ASN D 207 16.09 -8.10 15.92
N THR D 208 14.76 -8.13 16.17
CA THR D 208 13.97 -9.36 16.08
C THR D 208 14.11 -10.06 14.71
N ALA D 209 13.91 -9.29 13.63
CA ALA D 209 13.83 -9.91 12.31
C ALA D 209 14.97 -10.90 12.04
N ILE D 210 16.14 -10.60 12.62
CA ILE D 210 17.27 -11.50 12.42
C ILE D 210 17.23 -12.67 13.40
N ALA D 211 17.15 -12.32 14.70
CA ALA D 211 17.17 -13.35 15.73
C ALA D 211 16.04 -14.38 15.56
N GLU D 212 14.84 -13.89 15.21
CA GLU D 212 13.70 -14.80 15.07
C GLU D 212 13.74 -15.57 13.75
N ALA D 213 14.83 -15.43 12.99
CA ALA D 213 14.94 -16.14 11.71
C ALA D 213 15.36 -17.60 11.88
N GLN D 214 14.90 -18.46 10.98
CA GLN D 214 15.25 -19.88 11.02
C GLN D 214 16.75 -19.94 11.03
N ASP D 215 17.38 -19.05 10.26
CA ASP D 215 18.83 -19.00 10.15
C ASP D 215 19.29 -17.55 10.33
N PRO D 216 19.42 -17.12 11.60
CA PRO D 216 19.85 -15.76 11.97
C PRO D 216 21.10 -15.26 11.26
N PRO D 217 22.12 -16.12 11.09
CA PRO D 217 23.32 -15.62 10.40
C PRO D 217 23.05 -15.34 8.94
N ALA D 218 22.29 -16.20 8.27
CA ALA D 218 21.98 -16.00 6.87
C ALA D 218 21.18 -14.69 6.72
N MET D 219 20.26 -14.45 7.65
CA MET D 219 19.44 -13.27 7.60
C MET D 219 20.26 -12.01 7.88
N ALA D 220 21.21 -12.13 8.79
CA ALA D 220 22.08 -11.02 9.14
C ALA D 220 22.83 -10.53 7.92
N GLU D 221 23.22 -11.47 7.06
CA GLU D 221 23.95 -11.13 5.83
C GLU D 221 23.01 -10.50 4.81
N ALA D 222 21.75 -10.99 4.80
CA ALA D 222 20.72 -10.49 3.89
C ALA D 222 20.42 -9.02 4.18
N PHE D 223 20.32 -8.68 5.47
CA PHE D 223 20.05 -7.31 5.89
C PHE D 223 21.26 -6.42 5.61
N ARG D 224 22.46 -6.98 5.69
CA ARG D 224 23.66 -6.21 5.43
C ARG D 224 23.69 -5.75 3.98
N LEU D 225 23.43 -6.70 3.08
CA LEU D 225 23.41 -6.44 1.64
C LEU D 225 22.28 -5.48 1.29
N ALA D 226 21.12 -5.71 1.88
CA ALA D 226 19.94 -4.88 1.66
C ALA D 226 20.27 -3.45 2.00
N VAL D 227 20.96 -3.26 3.12
CA VAL D 227 21.31 -1.92 3.55
C VAL D 227 22.32 -1.27 2.61
N GLU D 228 23.31 -2.02 2.15
CA GLU D 228 24.28 -1.45 1.23
C GLU D 228 23.57 -1.11 -0.07
N ALA D 229 22.76 -2.05 -0.56
CA ALA D 229 22.03 -1.83 -1.80
C ALA D 229 21.17 -0.58 -1.69
N GLY D 230 20.41 -0.50 -0.59
CA GLY D 230 19.55 0.64 -0.39
C GLY D 230 20.34 1.92 -0.42
N ARG D 231 21.41 1.97 0.37
CA ARG D 231 22.27 3.14 0.44
C ARG D 231 22.78 3.52 -0.94
N LYS D 232 23.33 2.54 -1.66
CA LYS D 232 23.87 2.79 -2.99
C LYS D 232 22.83 3.27 -4.01
N ALA D 233 21.61 2.76 -3.91
CA ALA D 233 20.58 3.19 -4.83
C ALA D 233 20.35 4.69 -4.58
N TYR D 234 20.16 5.06 -3.32
CA TYR D 234 19.93 6.46 -3.01
C TYR D 234 21.04 7.33 -3.56
N LEU D 235 22.28 6.83 -3.49
CA LEU D 235 23.44 7.58 -3.99
C LEU D 235 23.56 7.60 -5.51
N ALA D 236 23.04 6.56 -6.19
CA ALA D 236 23.10 6.50 -7.64
C ALA D 236 22.00 7.31 -8.31
N GLY D 237 21.05 7.82 -7.53
CA GLY D 237 19.96 8.60 -8.08
C GLY D 237 18.98 7.75 -8.87
N PRO D 238 17.91 7.25 -8.24
CA PRO D 238 16.90 6.40 -8.89
C PRO D 238 16.11 7.11 -10.00
N MET D 239 15.56 6.32 -10.91
CA MET D 239 14.78 6.85 -12.03
C MET D 239 13.50 7.51 -11.49
N ARG D 240 12.86 8.31 -12.35
CA ARG D 240 11.62 9.00 -12.05
C ARG D 240 10.44 8.13 -12.43
N PRO D 241 9.50 7.84 -11.51
CA PRO D 241 8.36 7.02 -11.91
C PRO D 241 7.28 7.90 -12.54
N MSE E 1 3.36 55.56 20.28
CA MSE E 1 3.60 54.48 19.34
C MSE E 1 2.93 53.18 19.81
O MSE E 1 3.50 52.37 20.55
CB MSE E 1 5.10 54.30 19.19
CG MSE E 1 5.50 53.55 17.90
SE MSE E 1 4.95 54.38 16.39
CE MSE E 1 6.52 55.09 15.89
N VAL E 2 1.67 52.99 19.39
CA VAL E 2 0.93 51.77 19.74
C VAL E 2 1.10 50.71 18.64
N TRP E 3 1.15 49.43 19.08
CA TRP E 3 1.19 48.36 18.10
C TRP E 3 -0.21 47.94 17.64
N LEU E 4 -0.45 48.12 16.34
CA LEU E 4 -1.77 47.77 15.79
C LEU E 4 -1.70 46.57 14.83
N ASN E 5 -2.22 45.42 15.31
CA ASN E 5 -2.14 44.21 14.50
C ASN E 5 -0.71 43.94 14.04
N GLY E 6 0.24 44.22 14.95
CA GLY E 6 1.64 43.90 14.68
C GLY E 6 2.39 45.04 13.98
N GLU E 7 1.68 46.17 13.76
CA GLU E 7 2.34 47.30 13.11
C GLU E 7 2.42 48.54 14.02
N PRO E 8 3.59 49.17 14.09
CA PRO E 8 3.78 50.38 14.88
C PRO E 8 3.02 51.57 14.30
N ARG E 9 2.07 52.11 15.09
CA ARG E 9 1.30 53.25 14.62
C ARG E 9 1.22 54.35 15.68
N PRO E 10 1.07 55.61 15.20
CA PRO E 10 1.08 56.78 16.08
C PRO E 10 -0.27 56.98 16.74
N LEU E 11 -0.71 55.95 17.48
CA LEU E 11 -2.10 55.95 17.94
C LEU E 11 -2.28 56.60 19.32
N GLU E 12 -1.16 56.78 20.05
CA GLU E 12 -1.27 57.31 21.40
C GLU E 12 -2.18 58.54 21.46
N GLY E 13 -3.21 58.44 22.32
CA GLY E 13 -4.09 59.60 22.52
C GLY E 13 -5.51 59.34 22.00
N LYS E 14 -5.61 58.38 21.05
CA LYS E 14 -6.92 58.07 20.49
C LYS E 14 -7.57 56.89 21.23
N THR E 15 -8.89 56.72 20.97
CA THR E 15 -9.61 55.61 21.60
C THR E 15 -9.80 54.44 20.62
N LEU E 16 -10.10 53.26 21.20
CA LEU E 16 -10.38 52.10 20.36
C LEU E 16 -11.48 52.41 19.34
N LYS E 17 -12.59 52.96 19.86
CA LYS E 17 -13.71 53.29 18.99
C LYS E 17 -13.27 54.21 17.84
N GLU E 18 -12.46 55.22 18.20
CA GLU E 18 -12.00 56.17 17.19
C GLU E 18 -11.21 55.49 16.08
N VAL E 19 -10.26 54.63 16.48
CA VAL E 19 -9.45 53.95 15.48
C VAL E 19 -10.28 52.96 14.67
N LEU E 20 -11.18 52.25 15.38
CA LEU E 20 -12.02 51.26 14.71
C LEU E 20 -13.00 51.92 13.74
N GLU E 21 -13.38 53.17 14.08
CA GLU E 21 -14.23 53.92 13.17
C GLU E 21 -13.46 54.33 11.92
N GLU E 22 -12.30 54.98 12.17
CA GLU E 22 -11.41 55.30 11.05
C GLU E 22 -11.12 54.05 10.22
N MSE E 23 -10.74 52.97 10.94
CA MSE E 23 -10.60 51.68 10.27
C MSE E 23 -11.82 51.40 9.40
O MSE E 23 -11.72 50.97 8.26
CB MSE E 23 -10.47 50.61 11.35
CG MSE E 23 -9.02 50.19 11.59
SE MSE E 23 -8.86 48.85 12.77
CE MSE E 23 -8.49 47.53 11.60
N GLY E 24 -13.01 51.65 9.97
CA GLY E 24 -14.20 51.52 9.16
C GLY E 24 -14.78 50.10 9.18
N VAL E 25 -14.45 49.36 10.26
CA VAL E 25 -15.00 48.02 10.40
C VAL E 25 -16.25 48.02 11.28
N GLU E 26 -17.16 47.08 10.96
CA GLU E 26 -18.29 46.88 11.85
C GLU E 26 -17.83 46.22 13.16
N LEU E 27 -18.29 46.79 14.27
CA LEU E 27 -17.76 46.37 15.56
C LEU E 27 -18.32 45.02 16.01
N LYS E 28 -19.54 44.71 15.53
CA LYS E 28 -20.22 43.53 16.05
C LYS E 28 -19.64 42.23 15.46
N GLY E 29 -18.64 42.40 14.57
CA GLY E 29 -18.06 41.23 13.92
C GLY E 29 -16.60 41.02 14.35
N VAL E 30 -16.01 42.07 14.92
CA VAL E 30 -14.62 41.98 15.36
C VAL E 30 -14.51 41.84 16.87
N ALA E 31 -13.42 41.16 17.28
CA ALA E 31 -13.06 41.15 18.69
C ALA E 31 -11.74 41.88 18.91
N VAL E 32 -11.65 42.61 20.04
CA VAL E 32 -10.45 43.38 20.28
C VAL E 32 -9.66 42.88 21.49
N LEU E 33 -8.34 42.72 21.27
CA LEU E 33 -7.47 42.35 22.37
C LEU E 33 -6.56 43.53 22.74
N LEU E 34 -6.61 44.03 23.97
CA LEU E 34 -5.74 45.13 24.36
C LEU E 34 -4.79 44.70 25.47
N ASN E 35 -3.55 44.41 25.06
CA ASN E 35 -2.57 43.93 26.03
C ASN E 35 -3.11 42.71 26.77
N GLU E 36 -3.52 41.71 25.98
CA GLU E 36 -3.99 40.45 26.57
C GLU E 36 -5.39 40.54 27.22
N GLU E 37 -6.01 41.73 27.15
CA GLU E 37 -7.40 41.77 27.59
C GLU E 37 -8.39 41.75 26.42
N ALA E 38 -9.28 40.72 26.44
CA ALA E 38 -10.13 40.46 25.29
C ALA E 38 -11.49 41.14 25.40
N PHE E 39 -11.84 41.87 24.32
CA PHE E 39 -13.08 42.63 24.33
C PHE E 39 -13.91 42.39 23.08
N LEU E 40 -15.23 42.49 23.24
CA LEU E 40 -16.09 42.51 22.07
C LEU E 40 -16.03 43.88 21.37
N GLY E 41 -16.13 43.83 20.03
CA GLY E 41 -16.03 45.07 19.26
C GLY E 41 -17.01 46.12 19.75
N LEU E 42 -18.18 45.65 20.22
CA LEU E 42 -19.22 46.57 20.66
C LEU E 42 -19.03 47.00 22.11
N GLU E 43 -18.01 46.40 22.76
CA GLU E 43 -17.81 46.67 24.19
C GLU E 43 -16.42 47.21 24.51
N VAL E 44 -15.68 47.60 23.44
CA VAL E 44 -14.32 48.08 23.65
C VAL E 44 -14.26 49.25 24.65
N PRO E 45 -13.21 49.22 25.49
CA PRO E 45 -13.00 50.24 26.50
C PRO E 45 -12.89 51.64 25.87
N ASP E 46 -13.46 52.62 26.59
CA ASP E 46 -13.46 54.01 26.09
C ASP E 46 -12.21 54.76 26.56
N ARG E 47 -11.17 53.97 26.90
CA ARG E 47 -9.89 54.54 27.34
C ARG E 47 -8.95 54.87 26.17
N PRO E 48 -8.31 56.06 26.28
CA PRO E 48 -7.34 56.52 25.28
C PRO E 48 -6.04 55.69 25.32
N LEU E 49 -5.54 55.39 24.10
CA LEU E 49 -4.40 54.48 23.94
C LEU E 49 -3.12 55.05 24.57
N ARG E 50 -2.25 54.13 25.02
CA ARG E 50 -0.99 54.54 25.64
C ARG E 50 0.20 54.14 24.78
N ASP E 51 1.30 54.90 24.90
CA ASP E 51 2.52 54.51 24.22
C ASP E 51 3.03 53.17 24.75
N GLY E 52 2.86 52.12 23.92
CA GLY E 52 3.28 50.79 24.35
C GLY E 52 2.10 49.80 24.33
N ASP E 53 0.86 50.31 24.20
CA ASP E 53 -0.26 49.38 24.10
C ASP E 53 -0.10 48.42 22.91
N VAL E 54 -0.54 47.16 23.14
CA VAL E 54 -0.55 46.21 22.04
C VAL E 54 -1.99 45.83 21.66
N VAL E 55 -2.41 46.36 20.49
CA VAL E 55 -3.80 46.15 20.09
C VAL E 55 -3.93 45.12 18.98
N GLU E 56 -4.78 44.12 19.26
CA GLU E 56 -5.16 43.20 18.20
C GLU E 56 -6.66 43.31 17.87
N VAL E 57 -6.94 43.39 16.56
CA VAL E 57 -8.33 43.40 16.11
C VAL E 57 -8.62 42.19 15.23
N VAL E 58 -9.39 41.24 15.81
CA VAL E 58 -9.60 39.96 15.12
C VAL E 58 -11.07 39.70 14.83
N ALA E 59 -11.30 38.94 13.75
CA ALA E 59 -12.64 38.46 13.45
C ALA E 59 -12.62 36.98 13.02
N LEU E 60 -13.80 36.34 13.14
CA LEU E 60 -13.92 34.94 12.74
C LEU E 60 -13.81 34.78 11.22
N MSE E 61 -12.75 34.07 10.78
CA MSE E 61 -12.62 33.87 9.33
C MSE E 61 -12.50 32.37 8.97
O MSE E 61 -12.76 31.49 9.76
CB MSE E 61 -11.40 34.64 8.85
CG MSE E 61 -11.66 36.15 8.78
SE MSE E 61 -10.44 37.02 7.79
CE MSE E 61 -10.54 38.60 8.64
N GLN E 62 -12.11 32.14 7.70
CA GLN E 62 -11.97 30.80 7.14
C GLN E 62 -10.74 30.05 7.67
N GLY E 63 -10.89 28.71 7.73
CA GLY E 63 -9.91 27.86 8.37
C GLY E 63 -10.64 26.68 9.04
N GLY E 64 -9.87 25.63 9.40
CA GLY E 64 -10.53 24.50 10.08
C GLY E 64 -9.75 23.20 9.91
N MSE F 1 -27.68 -48.50 -18.79
CA MSE F 1 -27.15 -47.66 -17.73
C MSE F 1 -27.27 -46.18 -18.07
O MSE F 1 -26.75 -45.69 -19.07
CB MSE F 1 -25.67 -48.03 -17.53
CG MSE F 1 -25.10 -47.44 -16.24
SE MSE F 1 -25.75 -48.24 -14.77
CE MSE F 1 -24.22 -49.00 -14.21
N VAL F 2 -28.05 -45.46 -17.24
CA VAL F 2 -28.25 -44.04 -17.49
C VAL F 2 -27.46 -43.17 -16.51
N TRP F 3 -26.70 -42.21 -17.08
CA TRP F 3 -25.95 -41.26 -16.27
C TRP F 3 -26.86 -40.16 -15.72
N LEU F 4 -27.23 -40.28 -14.43
CA LEU F 4 -28.08 -39.24 -13.84
C LEU F 4 -27.30 -38.33 -12.90
N ASN F 5 -27.24 -37.04 -13.29
CA ASN F 5 -26.50 -36.08 -12.47
C ASN F 5 -25.09 -36.60 -12.14
N GLY F 6 -24.50 -37.28 -13.13
CA GLY F 6 -23.11 -37.71 -12.97
C GLY F 6 -22.99 -39.15 -12.46
N GLU F 7 -24.09 -39.66 -11.86
CA GLU F 7 -24.06 -41.01 -11.31
C GLU F 7 -24.77 -42.03 -12.23
N PRO F 8 -24.12 -43.19 -12.41
CA PRO F 8 -24.64 -44.25 -13.25
C PRO F 8 -25.81 -45.00 -12.60
N ARG F 9 -26.98 -44.98 -13.28
CA ARG F 9 -28.16 -45.64 -12.75
C ARG F 9 -28.85 -46.54 -13.79
N PRO F 10 -29.66 -47.49 -13.29
CA PRO F 10 -30.38 -48.44 -14.13
C PRO F 10 -31.72 -47.88 -14.63
N LEU F 11 -31.65 -46.72 -15.32
CA LEU F 11 -32.89 -46.03 -15.65
C LEU F 11 -33.42 -46.41 -17.04
N GLU F 12 -32.62 -47.20 -17.78
CA GLU F 12 -33.00 -47.55 -19.14
C GLU F 12 -34.40 -48.20 -19.16
N GLY F 13 -35.29 -47.57 -19.96
CA GLY F 13 -36.64 -48.13 -20.07
C GLY F 13 -37.69 -47.24 -19.43
N LYS F 14 -37.22 -46.32 -18.57
CA LYS F 14 -38.14 -45.41 -17.90
C LYS F 14 -38.15 -44.04 -18.60
N THR F 15 -39.22 -43.27 -18.31
CA THR F 15 -39.33 -41.94 -18.90
C THR F 15 -38.81 -40.87 -17.94
N LEU F 16 -38.36 -39.75 -18.53
CA LEU F 16 -37.91 -38.64 -17.70
C LEU F 16 -38.93 -38.32 -16.61
N LYS F 17 -40.21 -38.35 -17.02
CA LYS F 17 -41.28 -38.03 -16.08
C LYS F 17 -41.30 -38.99 -14.89
N GLU F 18 -41.25 -40.29 -15.21
CA GLU F 18 -41.30 -41.30 -14.16
C GLU F 18 -40.16 -41.14 -13.16
N VAL F 19 -38.95 -40.90 -13.71
CA VAL F 19 -37.80 -40.73 -12.83
C VAL F 19 -37.93 -39.50 -11.95
N LEU F 20 -38.23 -38.36 -12.61
CA LEU F 20 -38.38 -37.11 -11.86
C LEU F 20 -39.43 -37.24 -10.75
N GLU F 21 -40.44 -38.09 -11.03
CA GLU F 21 -41.47 -38.32 -10.01
C GLU F 21 -40.92 -39.09 -8.82
N GLU F 22 -40.21 -40.19 -9.13
CA GLU F 22 -39.59 -40.97 -8.06
C GLU F 22 -38.62 -40.12 -7.25
N MSE F 23 -37.82 -39.32 -7.99
CA MSE F 23 -36.93 -38.38 -7.31
C MSE F 23 -37.73 -37.60 -6.27
O MSE F 23 -37.23 -37.21 -5.22
CB MSE F 23 -36.29 -37.48 -8.37
CG MSE F 23 -35.04 -38.11 -9.01
SE MSE F 23 -34.39 -37.12 -10.36
CE MSE F 23 -33.23 -36.14 -9.41
N GLY F 24 -39.02 -37.36 -6.60
CA GLY F 24 -39.87 -36.62 -5.69
C GLY F 24 -39.58 -35.12 -5.84
N VAL F 25 -39.34 -34.72 -7.10
CA VAL F 25 -39.05 -33.30 -7.37
C VAL F 25 -40.06 -32.68 -8.33
N GLU F 26 -40.54 -31.47 -7.95
CA GLU F 26 -41.52 -30.79 -8.79
C GLU F 26 -40.93 -30.40 -10.15
N LEU F 27 -41.79 -30.46 -11.18
CA LEU F 27 -41.28 -30.27 -12.52
C LEU F 27 -41.10 -28.81 -12.91
N LYS F 28 -41.92 -27.92 -12.32
CA LYS F 28 -41.90 -26.54 -12.81
C LYS F 28 -40.62 -25.81 -12.37
N GLY F 29 -40.15 -26.12 -11.15
CA GLY F 29 -38.92 -25.48 -10.67
C GLY F 29 -37.59 -26.08 -11.15
N VAL F 30 -37.59 -26.97 -12.15
CA VAL F 30 -36.32 -27.51 -12.57
C VAL F 30 -36.17 -27.46 -14.08
N ALA F 31 -34.90 -27.60 -14.51
CA ALA F 31 -34.63 -27.81 -15.93
C ALA F 31 -33.88 -29.12 -16.12
N VAL F 32 -34.30 -29.87 -17.15
CA VAL F 32 -33.64 -31.14 -17.40
C VAL F 32 -32.83 -31.12 -18.68
N LEU F 33 -31.50 -31.28 -18.53
CA LEU F 33 -30.69 -31.56 -19.70
C LEU F 33 -30.64 -33.04 -20.04
N LEU F 34 -31.32 -33.39 -21.16
CA LEU F 34 -31.25 -34.74 -21.69
C LEU F 34 -30.27 -34.79 -22.86
N ASN F 35 -29.06 -35.32 -22.59
CA ASN F 35 -28.13 -35.54 -23.69
C ASN F 35 -27.82 -34.24 -24.46
N GLU F 36 -27.35 -33.22 -23.72
CA GLU F 36 -26.92 -31.97 -24.35
C GLU F 36 -28.08 -31.06 -24.75
N GLU F 37 -29.31 -31.60 -24.64
CA GLU F 37 -30.46 -30.77 -25.00
C GLU F 37 -31.20 -30.23 -23.76
N ALA F 38 -31.59 -28.94 -23.84
CA ALA F 38 -32.18 -28.31 -22.66
C ALA F 38 -33.71 -28.42 -22.65
N PHE F 39 -34.26 -29.02 -21.56
CA PHE F 39 -35.70 -29.18 -21.43
C PHE F 39 -36.21 -28.67 -20.09
N LEU F 40 -37.38 -28.00 -20.10
CA LEU F 40 -37.94 -27.64 -18.81
C LEU F 40 -38.54 -28.87 -18.15
N GLY F 41 -38.75 -28.79 -16.84
CA GLY F 41 -39.32 -29.95 -16.18
C GLY F 41 -40.61 -30.39 -16.86
N LEU F 42 -41.42 -29.38 -17.21
CA LEU F 42 -42.74 -29.63 -17.77
C LEU F 42 -42.69 -30.01 -19.25
N GLU F 43 -41.51 -29.86 -19.88
CA GLU F 43 -41.44 -30.11 -21.31
C GLU F 43 -40.42 -31.20 -21.68
N VAL F 44 -40.16 -32.13 -20.74
CA VAL F 44 -39.25 -33.22 -21.08
C VAL F 44 -39.90 -34.21 -22.04
N PRO F 45 -39.06 -34.77 -22.95
CA PRO F 45 -39.53 -35.79 -23.89
C PRO F 45 -40.18 -36.99 -23.19
N ASP F 46 -41.05 -37.69 -23.95
CA ASP F 46 -41.73 -38.87 -23.40
C ASP F 46 -40.92 -40.14 -23.67
N ARG F 47 -39.96 -40.02 -24.60
CA ARG F 47 -39.17 -41.19 -24.98
C ARG F 47 -38.42 -41.78 -23.79
N PRO F 48 -38.57 -43.10 -23.62
CA PRO F 48 -37.87 -43.84 -22.57
C PRO F 48 -36.35 -43.68 -22.69
N LEU F 49 -35.68 -43.70 -21.52
CA LEU F 49 -34.23 -43.55 -21.51
C LEU F 49 -33.52 -44.79 -22.07
N ARG F 50 -32.38 -44.54 -22.74
CA ARG F 50 -31.60 -45.64 -23.28
C ARG F 50 -30.19 -45.66 -22.68
N ASP F 51 -29.57 -46.86 -22.71
CA ASP F 51 -28.20 -46.96 -22.25
C ASP F 51 -27.33 -45.88 -22.91
N GLY F 52 -26.55 -45.15 -22.13
CA GLY F 52 -25.72 -44.11 -22.69
C GLY F 52 -26.33 -42.73 -22.54
N ASP F 53 -27.64 -42.67 -22.32
CA ASP F 53 -28.32 -41.40 -22.12
C ASP F 53 -27.71 -40.60 -20.97
N VAL F 54 -27.24 -39.38 -21.30
CA VAL F 54 -26.70 -38.50 -20.28
C VAL F 54 -27.75 -37.48 -19.82
N VAL F 55 -28.04 -37.51 -18.51
CA VAL F 55 -29.11 -36.65 -18.00
C VAL F 55 -28.64 -35.74 -16.85
N GLU F 56 -29.04 -34.46 -16.94
CA GLU F 56 -28.76 -33.52 -15.86
C GLU F 56 -30.05 -32.81 -15.42
N VAL F 57 -30.28 -32.82 -14.10
CA VAL F 57 -31.48 -32.17 -13.57
C VAL F 57 -31.11 -30.99 -12.66
N VAL F 58 -31.24 -29.77 -13.23
CA VAL F 58 -30.73 -28.60 -12.51
C VAL F 58 -31.83 -27.61 -12.12
N ALA F 59 -31.51 -26.82 -11.08
CA ALA F 59 -32.39 -25.74 -10.69
C ALA F 59 -31.60 -24.46 -10.41
N LEU F 60 -32.28 -23.31 -10.25
CA LEU F 60 -31.58 -22.10 -9.84
C LEU F 60 -31.26 -22.14 -8.34
N MSE F 61 -29.99 -22.08 -7.96
CA MSE F 61 -29.77 -22.01 -6.54
C MSE F 61 -28.93 -20.78 -6.22
O MSE F 61 -28.34 -20.17 -7.10
CB MSE F 61 -29.02 -23.27 -6.11
CG MSE F 61 -29.95 -24.45 -5.86
SE MSE F 61 -29.06 -25.99 -5.62
CE MSE F 61 -30.15 -27.06 -6.59
N GLN F 62 -28.93 -20.39 -4.94
CA GLN F 62 -28.05 -19.30 -4.56
C GLN F 62 -26.58 -19.76 -4.61
N GLY F 63 -25.72 -18.87 -5.13
CA GLY F 63 -24.30 -19.20 -5.20
C GLY F 63 -23.57 -18.38 -6.26
N GLY F 64 -22.32 -18.81 -6.42
CA GLY F 64 -21.36 -18.17 -7.30
C GLY F 64 -20.07 -18.92 -7.04
N MSE G 1 11.20 -1.85 -58.87
CA MSE G 1 11.50 -1.16 -57.59
C MSE G 1 11.60 -2.22 -56.49
O MSE G 1 10.87 -3.21 -56.50
CB MSE G 1 10.38 -0.16 -57.24
CG MSE G 1 10.80 0.97 -56.32
SE MSE G 1 11.67 2.33 -57.17
CE MSE G 1 10.44 3.63 -57.04
N VAL G 2 12.51 -2.00 -55.54
CA VAL G 2 12.71 -2.94 -54.45
C VAL G 2 12.53 -2.29 -53.07
N TRP G 3 11.70 -2.88 -52.24
CA TRP G 3 11.49 -2.34 -50.91
C TRP G 3 12.66 -2.70 -50.01
N LEU G 4 13.48 -1.70 -49.71
CA LEU G 4 14.63 -1.91 -48.84
C LEU G 4 14.34 -1.27 -47.50
N ASN G 5 14.15 -2.10 -46.48
CA ASN G 5 13.86 -1.59 -45.14
C ASN G 5 12.64 -0.67 -45.17
N GLY G 6 11.63 -1.06 -45.95
CA GLY G 6 10.41 -0.28 -46.04
C GLY G 6 10.41 0.92 -46.98
N GLU G 7 11.53 1.20 -47.64
CA GLU G 7 11.61 2.33 -48.57
C GLU G 7 11.79 1.86 -50.01
N PRO G 8 10.88 2.26 -50.90
CA PRO G 8 10.97 1.86 -52.32
C PRO G 8 12.26 2.39 -52.96
N ARG G 9 13.03 1.51 -53.58
CA ARG G 9 14.28 1.91 -54.21
C ARG G 9 14.57 1.14 -55.51
N PRO G 10 15.35 1.76 -56.41
CA PRO G 10 15.72 1.21 -57.72
C PRO G 10 16.88 0.19 -57.65
N LEU G 11 16.89 -0.63 -56.58
CA LEU G 11 17.98 -1.62 -56.44
C LEU G 11 17.86 -2.76 -57.45
N GLU G 12 16.66 -2.86 -58.04
CA GLU G 12 16.41 -3.89 -59.05
C GLU G 12 17.57 -4.04 -60.03
N GLY G 13 18.16 -5.25 -60.05
CA GLY G 13 19.29 -5.49 -60.95
C GLY G 13 20.60 -5.70 -60.20
N LYS G 14 20.65 -5.20 -58.96
CA LYS G 14 21.81 -5.32 -58.07
C LYS G 14 21.64 -6.55 -57.20
N THR G 15 22.74 -7.01 -56.60
CA THR G 15 22.68 -8.17 -55.70
C THR G 15 22.64 -7.65 -54.28
N LEU G 16 22.35 -8.52 -53.32
CA LEU G 16 22.29 -8.13 -51.92
C LEU G 16 23.64 -7.60 -51.42
N LYS G 17 24.72 -8.24 -51.86
CA LYS G 17 26.07 -7.81 -51.48
C LYS G 17 26.33 -6.38 -51.94
N GLU G 18 26.25 -6.15 -53.25
CA GLU G 18 26.47 -4.82 -53.79
C GLU G 18 25.64 -3.78 -53.03
N VAL G 19 24.39 -4.13 -52.73
CA VAL G 19 23.50 -3.23 -52.00
C VAL G 19 24.03 -2.97 -50.59
N LEU G 20 24.10 -4.02 -49.78
CA LEU G 20 24.59 -3.93 -48.41
C LEU G 20 25.93 -3.23 -48.32
N GLU G 21 26.85 -3.62 -49.20
CA GLU G 21 28.18 -3.03 -49.22
C GLU G 21 28.14 -1.57 -49.67
N GLU G 22 27.13 -1.23 -50.47
CA GLU G 22 26.98 0.14 -50.95
C GLU G 22 26.57 0.97 -49.74
N MSE G 23 25.66 0.43 -48.95
CA MSE G 23 25.16 1.10 -47.75
C MSE G 23 26.21 1.11 -46.64
O MSE G 23 25.99 1.69 -45.57
CB MSE G 23 23.92 0.39 -47.22
CG MSE G 23 22.66 0.61 -48.03
SE MSE G 23 21.38 -0.54 -47.49
CE MSE G 23 21.39 -0.30 -45.71
N GLY G 24 27.34 0.46 -46.89
CA GLY G 24 28.40 0.41 -45.91
C GLY G 24 28.07 -0.38 -44.65
N VAL G 25 27.54 -1.59 -44.82
CA VAL G 25 27.21 -2.42 -43.67
C VAL G 25 27.96 -3.75 -43.67
N GLU G 26 28.51 -4.10 -42.51
CA GLU G 26 29.25 -5.33 -42.33
C GLU G 26 28.28 -6.49 -42.53
N LEU G 27 28.70 -7.51 -43.29
CA LEU G 27 27.86 -8.67 -43.53
C LEU G 27 27.74 -9.51 -42.25
N LYS G 28 28.86 -9.98 -41.70
CA LYS G 28 28.80 -10.77 -40.47
C LYS G 28 28.29 -9.83 -39.37
N GLY G 29 27.05 -10.04 -38.94
CA GLY G 29 26.46 -9.18 -37.93
C GLY G 29 25.03 -8.84 -38.27
N VAL G 30 24.64 -9.05 -39.51
CA VAL G 30 23.29 -8.76 -39.93
C VAL G 30 22.56 -9.98 -40.46
N ALA G 31 21.24 -9.86 -40.57
CA ALA G 31 20.41 -10.93 -41.10
C ALA G 31 19.67 -10.27 -42.24
N VAL G 32 19.57 -10.97 -43.36
CA VAL G 32 18.88 -10.42 -44.51
C VAL G 32 17.63 -11.19 -44.85
N LEU G 33 16.50 -10.51 -44.70
CA LEU G 33 15.19 -11.08 -45.01
C LEU G 33 14.92 -10.72 -46.46
N LEU G 34 14.73 -11.74 -47.29
CA LEU G 34 14.39 -11.62 -48.70
C LEU G 34 13.09 -12.34 -49.01
N ASN G 35 11.98 -11.55 -48.97
CA ASN G 35 10.65 -12.14 -49.12
C ASN G 35 10.35 -13.15 -48.01
N GLU G 36 10.76 -12.77 -46.78
CA GLU G 36 10.44 -13.58 -45.61
C GLU G 36 11.36 -14.80 -45.45
N GLU G 37 12.42 -14.83 -46.28
CA GLU G 37 13.45 -15.84 -46.08
C GLU G 37 14.75 -15.21 -45.59
N ALA G 38 15.06 -15.50 -44.32
CA ALA G 38 16.20 -14.84 -43.68
C ALA G 38 17.50 -15.62 -43.87
N PHE G 39 18.57 -14.86 -44.08
CA PHE G 39 19.92 -15.40 -44.26
C PHE G 39 20.86 -14.51 -43.47
N LEU G 40 21.95 -15.07 -42.95
CA LEU G 40 22.91 -14.26 -42.23
C LEU G 40 23.62 -13.47 -43.32
N GLY G 41 24.13 -12.30 -42.99
CA GLY G 41 24.82 -11.50 -43.98
C GLY G 41 25.71 -12.26 -44.94
N LEU G 42 26.67 -13.02 -44.39
CA LEU G 42 27.60 -13.78 -45.22
C LEU G 42 27.00 -14.89 -46.06
N GLU G 43 25.72 -15.20 -45.83
CA GLU G 43 25.04 -16.27 -46.57
C GLU G 43 23.91 -15.86 -47.51
N VAL G 44 23.91 -14.61 -47.97
CA VAL G 44 22.84 -14.21 -48.90
C VAL G 44 23.07 -14.76 -50.31
N PRO G 45 21.94 -14.97 -51.02
CA PRO G 45 21.96 -15.45 -52.40
C PRO G 45 22.60 -14.44 -53.35
N ASP G 46 23.23 -14.98 -54.41
CA ASP G 46 23.86 -14.12 -55.42
C ASP G 46 22.83 -13.60 -56.43
N ARG G 47 21.65 -14.24 -56.40
CA ARG G 47 20.57 -13.83 -57.31
C ARG G 47 20.41 -12.31 -57.34
N PRO G 48 20.26 -11.66 -58.50
CA PRO G 48 20.03 -10.21 -58.57
C PRO G 48 18.65 -9.86 -58.03
N LEU G 49 18.52 -8.64 -57.53
CA LEU G 49 17.23 -8.17 -57.02
C LEU G 49 16.31 -7.88 -58.20
N ARG G 50 15.01 -8.01 -57.97
CA ARG G 50 14.03 -7.76 -59.02
C ARG G 50 12.79 -7.08 -58.46
N ASP G 51 12.06 -6.40 -59.33
CA ASP G 51 10.86 -5.68 -58.94
C ASP G 51 9.97 -6.62 -58.13
N GLY G 52 9.54 -6.16 -56.96
CA GLY G 52 8.70 -6.98 -56.11
C GLY G 52 9.40 -7.45 -54.85
N ASP G 53 10.72 -7.62 -54.92
CA ASP G 53 11.50 -8.06 -53.76
C ASP G 53 11.31 -7.14 -52.56
N VAL G 54 11.19 -7.72 -51.37
CA VAL G 54 11.09 -6.94 -50.16
C VAL G 54 12.29 -7.38 -49.32
N VAL G 55 13.15 -6.42 -49.01
CA VAL G 55 14.37 -6.67 -48.26
C VAL G 55 14.46 -5.91 -46.93
N GLU G 56 14.61 -6.67 -45.84
CA GLU G 56 14.74 -6.08 -44.51
C GLU G 56 16.12 -6.41 -43.94
N VAL G 57 16.98 -5.42 -43.86
CA VAL G 57 18.31 -5.58 -43.26
C VAL G 57 18.28 -5.39 -41.74
N VAL G 58 18.15 -6.51 -41.01
CA VAL G 58 17.98 -6.41 -39.56
C VAL G 58 19.20 -6.96 -38.80
N ALA G 59 19.23 -6.65 -37.50
CA ALA G 59 20.28 -7.17 -36.64
C ALA G 59 19.88 -7.05 -35.17
N LEU G 60 20.72 -7.68 -34.32
CA LEU G 60 20.52 -7.56 -32.87
C LEU G 60 20.81 -6.13 -32.40
N MSE G 61 19.84 -5.57 -31.65
CA MSE G 61 20.06 -4.23 -31.10
C MSE G 61 19.50 -4.12 -29.68
O MSE G 61 18.92 -5.05 -29.13
CB MSE G 61 19.38 -3.21 -32.02
CG MSE G 61 20.40 -2.38 -32.80
SE MSE G 61 19.59 -1.25 -33.95
CE MSE G 61 20.39 -1.82 -35.46
N GLN G 62 19.76 -2.96 -29.07
CA GLN G 62 19.34 -2.78 -27.69
C GLN G 62 17.87 -2.38 -27.57
N GLY G 63 17.00 -3.39 -27.73
CA GLY G 63 15.57 -3.13 -27.58
C GLY G 63 15.12 -3.35 -26.14
N GLY G 64 13.94 -2.82 -25.80
CA GLY G 64 13.44 -2.91 -24.44
C GLY G 64 13.05 -1.53 -23.94
N MSE H 1 12.98 -4.13 56.64
CA MSE H 1 12.87 -4.94 55.38
C MSE H 1 13.68 -4.25 54.28
O MSE H 1 13.57 -3.04 54.08
CB MSE H 1 11.40 -5.05 54.97
CG MSE H 1 11.02 -6.36 54.28
SE MSE H 1 11.08 -7.84 55.36
CE MSE H 1 9.38 -7.88 55.97
N VAL H 2 14.49 -5.03 53.57
CA VAL H 2 15.32 -4.49 52.49
C VAL H 2 14.79 -4.98 51.15
N TRP H 3 14.43 -4.06 50.28
CA TRP H 3 13.93 -4.42 48.97
C TRP H 3 15.08 -4.68 48.01
N LEU H 4 15.36 -5.95 47.78
CA LEU H 4 16.42 -6.41 46.88
C LEU H 4 15.85 -6.87 45.53
N ASN H 5 16.20 -6.11 44.47
CA ASN H 5 15.67 -6.39 43.13
C ASN H 5 14.14 -6.59 43.14
N GLY H 6 13.47 -5.81 44.01
CA GLY H 6 12.00 -5.83 44.00
C GLY H 6 11.40 -6.65 45.15
N GLU H 7 12.17 -7.63 45.67
CA GLU H 7 11.65 -8.51 46.73
C GLU H 7 12.09 -8.07 48.14
N PRO H 8 11.12 -7.92 49.06
CA PRO H 8 11.45 -7.51 50.43
C PRO H 8 12.20 -8.63 51.14
N ARG H 9 13.28 -8.27 51.82
CA ARG H 9 14.07 -9.29 52.52
C ARG H 9 14.62 -8.78 53.85
N PRO H 10 14.72 -9.68 54.84
CA PRO H 10 15.24 -9.35 56.17
C PRO H 10 16.75 -9.38 56.08
N LEU H 11 17.30 -8.47 55.29
CA LEU H 11 18.73 -8.37 55.04
C LEU H 11 19.43 -7.36 55.95
N GLU H 12 18.62 -6.58 56.67
CA GLU H 12 19.14 -5.56 57.57
C GLU H 12 20.34 -6.07 58.37
N GLY H 13 21.35 -5.21 58.53
CA GLY H 13 22.54 -5.59 59.26
C GLY H 13 23.58 -6.24 58.38
N LYS H 14 23.25 -6.40 57.10
CA LYS H 14 24.16 -7.02 56.14
C LYS H 14 24.73 -5.98 55.17
N THR H 15 25.89 -6.28 54.60
CA THR H 15 26.53 -5.40 53.63
C THR H 15 26.22 -5.89 52.22
N LEU H 16 26.38 -5.01 51.23
CA LEU H 16 26.12 -5.39 49.85
C LEU H 16 27.07 -6.49 49.42
N LYS H 17 28.31 -6.43 49.92
CA LYS H 17 29.32 -7.43 49.59
C LYS H 17 28.88 -8.78 50.15
N GLU H 18 28.26 -8.75 51.32
CA GLU H 18 27.77 -9.97 51.97
C GLU H 18 26.53 -10.49 51.26
N VAL H 19 25.68 -9.58 50.83
CA VAL H 19 24.45 -9.96 50.13
C VAL H 19 24.81 -10.57 48.77
N LEU H 20 25.75 -9.95 48.08
CA LEU H 20 26.18 -10.46 46.79
C LEU H 20 27.04 -11.70 46.99
N GLU H 21 27.80 -11.72 48.09
CA GLU H 21 28.67 -12.85 48.43
C GLU H 21 27.88 -14.16 48.38
N GLU H 22 26.82 -14.22 49.17
CA GLU H 22 25.97 -15.41 49.23
C GLU H 22 25.25 -15.64 47.92
N MSE H 23 24.90 -14.54 47.25
CA MSE H 23 24.20 -14.64 45.98
C MSE H 23 25.00 -15.46 44.97
O MSE H 23 24.45 -16.25 44.20
CB MSE H 23 23.98 -13.25 45.36
CG MSE H 23 22.60 -12.67 45.59
SE MSE H 23 22.40 -10.98 44.96
CE MSE H 23 21.87 -11.28 43.26
N GLY H 24 26.32 -15.29 45.00
CA GLY H 24 27.18 -16.00 44.07
C GLY H 24 27.17 -15.25 42.76
N VAL H 25 27.20 -13.92 42.85
CA VAL H 25 27.21 -13.08 41.66
C VAL H 25 28.60 -12.46 41.61
N GLU H 26 29.20 -12.49 40.42
CA GLU H 26 30.53 -11.91 40.24
C GLU H 26 30.41 -10.39 40.26
N LEU H 27 31.12 -9.76 41.19
CA LEU H 27 31.08 -8.32 41.36
C LEU H 27 31.60 -7.50 40.17
N LYS H 28 32.60 -8.01 39.47
CA LYS H 28 33.12 -7.25 38.34
C LYS H 28 32.08 -7.11 37.23
N GLY H 29 31.20 -8.10 37.13
CA GLY H 29 30.19 -8.07 36.08
C GLY H 29 28.93 -7.27 36.37
N VAL H 30 28.61 -7.06 37.64
CA VAL H 30 27.41 -6.32 37.98
C VAL H 30 27.62 -4.87 38.40
N ALA H 31 26.50 -4.22 38.68
CA ALA H 31 26.41 -2.85 39.15
C ALA H 31 25.28 -2.74 40.15
N VAL H 32 25.56 -2.06 41.25
CA VAL H 32 24.53 -1.95 42.26
C VAL H 32 23.96 -0.53 42.34
N LEU H 33 22.63 -0.45 42.13
CA LEU H 33 21.89 0.70 42.63
C LEU H 33 21.55 0.56 44.12
N LEU H 34 22.23 1.39 44.93
CA LEU H 34 21.87 1.59 46.32
C LEU H 34 21.22 2.97 46.53
N ASN H 35 19.88 2.98 46.43
CA ASN H 35 19.12 4.21 46.66
C ASN H 35 19.58 5.35 45.77
N GLU H 36 19.41 5.16 44.45
CA GLU H 36 19.65 6.27 43.52
C GLU H 36 21.14 6.54 43.32
N GLU H 37 21.97 5.77 44.04
CA GLU H 37 23.41 5.85 43.80
C GLU H 37 23.93 4.56 43.17
N ALA H 38 24.43 4.70 41.93
CA ALA H 38 24.88 3.53 41.21
C ALA H 38 26.38 3.28 41.38
N PHE H 39 26.71 2.04 41.79
CA PHE H 39 28.08 1.60 41.97
C PHE H 39 28.42 0.43 41.06
N LEU H 40 29.73 0.23 40.80
CA LEU H 40 30.17 -1.03 40.22
C LEU H 40 30.23 -2.08 41.34
N GLY H 41 30.01 -3.35 40.96
CA GLY H 41 29.94 -4.43 41.95
C GLY H 41 31.09 -4.32 42.95
N LEU H 42 32.29 -3.99 42.49
CA LEU H 42 33.47 -3.92 43.36
C LEU H 42 33.60 -2.63 44.15
N GLU H 43 32.73 -1.67 43.91
CA GLU H 43 32.81 -0.38 44.59
C GLU H 43 31.62 -0.05 45.48
N VAL H 44 30.85 -1.05 45.88
CA VAL H 44 29.71 -0.81 46.75
C VAL H 44 30.21 -0.44 48.15
N PRO H 45 29.42 0.36 48.89
CA PRO H 45 29.73 0.81 50.24
C PRO H 45 29.84 -0.30 51.29
N ASP H 46 30.50 0.01 52.40
CA ASP H 46 30.69 -0.88 53.55
C ASP H 46 29.53 -0.76 54.54
N ARG H 47 28.85 0.39 54.45
CA ARG H 47 27.71 0.63 55.34
C ARG H 47 26.70 -0.52 55.27
N PRO H 48 26.41 -1.09 56.46
CA PRO H 48 25.42 -2.16 56.57
C PRO H 48 24.01 -1.73 56.13
N LEU H 49 23.23 -2.72 55.69
CA LEU H 49 21.91 -2.45 55.15
C LEU H 49 20.90 -2.13 56.26
N ARG H 50 19.99 -1.18 55.94
CA ARG H 50 19.01 -0.75 56.94
C ARG H 50 17.59 -0.88 56.39
N ASP H 51 16.63 -1.05 57.32
CA ASP H 51 15.24 -1.07 56.90
C ASP H 51 14.91 0.14 56.02
N GLY H 52 14.39 -0.09 54.83
CA GLY H 52 14.06 1.02 53.96
C GLY H 52 14.92 1.08 52.72
N ASP H 53 16.13 0.55 52.81
CA ASP H 53 17.03 0.55 51.66
C ASP H 53 16.44 -0.22 50.48
N VAL H 54 16.54 0.38 49.29
CA VAL H 54 16.06 -0.20 48.06
C VAL H 54 17.25 -0.51 47.17
N VAL H 55 17.64 -1.79 47.15
CA VAL H 55 18.79 -2.25 46.37
C VAL H 55 18.44 -2.88 45.02
N GLU H 56 19.24 -2.56 44.00
CA GLU H 56 19.03 -3.10 42.66
C GLU H 56 20.36 -3.61 42.11
N VAL H 57 20.45 -4.93 41.96
CA VAL H 57 21.66 -5.55 41.42
C VAL H 57 21.42 -5.80 39.94
N VAL H 58 22.15 -5.11 39.09
CA VAL H 58 21.97 -5.26 37.65
C VAL H 58 23.25 -5.59 36.86
N ALA H 59 23.06 -6.05 35.63
CA ALA H 59 24.16 -6.38 34.74
C ALA H 59 23.70 -6.07 33.32
N LEU H 60 24.59 -6.27 32.34
CA LEU H 60 24.21 -6.03 30.95
C LEU H 60 23.66 -7.34 30.37
N MSE H 61 22.42 -7.32 29.91
CA MSE H 61 21.81 -8.51 29.33
C MSE H 61 21.27 -8.19 27.94
O MSE H 61 21.29 -7.03 27.52
CB MSE H 61 20.69 -9.05 30.22
CG MSE H 61 21.23 -9.92 31.35
SE MSE H 61 19.95 -10.82 32.24
CE MSE H 61 20.62 -10.74 33.91
N GLN H 62 20.81 -9.20 27.22
CA GLN H 62 20.31 -8.97 25.88
C GLN H 62 19.00 -8.21 25.81
N GLY H 63 18.98 -7.22 24.92
CA GLY H 63 17.82 -6.38 24.71
C GLY H 63 18.04 -5.64 23.41
N GLY H 64 17.05 -4.88 22.94
CA GLY H 64 17.22 -4.17 21.67
C GLY H 64 16.74 -2.72 21.69
#